data_1MA9
#
_entry.id   1MA9
#
_cell.length_a   74.440
_cell.length_b   74.900
_cell.length_c   88.020
_cell.angle_alpha   90.00
_cell.angle_beta   110.19
_cell.angle_gamma   90.00
#
_symmetry.space_group_name_H-M   'P 1 21 1'
#
loop_
_entity.id
_entity.type
_entity.pdbx_description
1 polymer 'Vitamin D-binding protein'
2 polymer 'Actin, Alpha Skeletal Muscle'
3 non-polymer 'MAGNESIUM ION'
4 non-polymer "ADENOSINE-5'-TRIPHOSPHATE"
5 water water
#
loop_
_entity_poly.entity_id
_entity_poly.type
_entity_poly.pdbx_seq_one_letter_code
_entity_poly.pdbx_strand_id
1 'polypeptide(L)'
;LERGRDYEKNKVCKEFSHLGKEDFTSLSLVLYSRKFPSGTFEQVSQLVKEVVSLTEACCAEGADPDCYDTRTSALSAKSC
ESNSPFPVHPGTAECCTKEGLERKLCMAALKHQPQEFPTYVEPTNDEICEAFRKDPKEYANQFMWEYSTNYGQAPLSLLV
SYTKSYLSMVGSCCTSASPTVCFLKERLQLKHLSLLTTLSNRVCSQYAAYGEKKSRLSNLIKLAQKVPTADLEDVLPLAE
DITNILSKCCESASEDCMAKELPEHTVKLCDNLSTKNSKFEDCCQEKTAMDVFVCTYFMPAAQLPELPDVELPTNKDVCD
PGNTKVMDKYTFELSRRTHLPEVFLSKVLEPTLKSLGECCDVEDSTTCFNAKGPLLKKELSSFIDKGQELCADYSENTFT
EYKKKLAERLKAKLPEATPTELAKLVNKRSDFASNCCSINSPPLYCDSEIDAELKNIL
;
A
2 'polypeptide(L)'
;DEDETTALVCDNGSGLVKAGFAGDDAPRAVFPSIVGRPRHQGVMVGMGQKDSYVGDEAQSKRGILTLKYPIE(HIC)GII
TNWDDMEKIWHHTFYNELRVAPEEHPTLLTEAPLNPKANREKMTQIMFETFNVPAMYVAIQAVLSLYASGRTTGIVLDSG
DGVTHNVPIYEGYALPHAIMRLDLAGRDLTDYLMKILTERGYSFVTTAEREIVRDIKEKLCYVALDFENEMATAASSSSL
EKSYELPDGQVITIGNERFRCPETLFQPSFIGMESAGIHETTYNSIMKCDIDIRKDLYANNVMSGGTTMYPGIADRMQKE
ITALAPSTMKIKIIAPPERKYSVWIGGSILASLSTFQQMWITKQEYDEAGPSIVHRKCF
;
B
#
loop_
_chem_comp.id
_chem_comp.type
_chem_comp.name
_chem_comp.formula
ATP non-polymer ADENOSINE-5'-TRIPHOSPHATE 'C10 H16 N5 O13 P3'
MG non-polymer 'MAGNESIUM ION' 'Mg 2'
#
# COMPACT_ATOMS: atom_id res chain seq x y z
N LEU A 1 11.07 44.93 -5.03
CA LEU A 1 12.51 45.11 -4.70
C LEU A 1 13.25 43.78 -4.92
N GLU A 2 14.46 43.87 -5.46
CA GLU A 2 15.29 42.70 -5.74
C GLU A 2 16.09 42.27 -4.51
N ARG A 3 16.19 40.95 -4.30
CA ARG A 3 16.93 40.40 -3.18
C ARG A 3 18.36 40.92 -3.18
N GLY A 4 18.92 41.12 -1.99
CA GLY A 4 20.27 41.63 -1.87
C GLY A 4 21.31 40.79 -2.61
N ARG A 5 22.33 41.46 -3.13
CA ARG A 5 23.38 40.77 -3.87
C ARG A 5 23.87 39.56 -3.08
N ASP A 6 23.87 39.67 -1.76
CA ASP A 6 24.31 38.58 -0.92
C ASP A 6 23.18 37.93 -0.14
N TYR A 7 22.07 37.68 -0.83
CA TYR A 7 20.90 37.05 -0.24
C TYR A 7 21.27 35.64 0.24
N GLU A 8 22.03 34.93 -0.59
CA GLU A 8 22.46 33.57 -0.27
C GLU A 8 23.39 33.53 0.94
N LYS A 9 24.49 34.29 0.86
CA LYS A 9 25.46 34.34 1.95
C LYS A 9 24.80 34.60 3.29
N ASN A 10 24.09 35.71 3.40
CA ASN A 10 23.41 36.05 4.65
C ASN A 10 22.47 34.95 5.12
N LYS A 11 21.91 34.22 4.18
CA LYS A 11 21.00 33.12 4.49
C LYS A 11 21.74 31.94 5.14
N VAL A 12 22.79 31.45 4.48
CA VAL A 12 23.55 30.33 5.01
C VAL A 12 24.21 30.64 6.35
N CYS A 13 24.79 31.84 6.46
CA CYS A 13 25.44 32.26 7.70
C CYS A 13 24.43 32.33 8.84
N LYS A 14 23.22 32.76 8.52
CA LYS A 14 22.14 32.87 9.49
C LYS A 14 21.73 31.46 9.94
N GLU A 15 21.80 30.50 9.03
CA GLU A 15 21.44 29.12 9.35
C GLU A 15 22.56 28.44 10.14
N PHE A 16 23.80 28.69 9.73
CA PHE A 16 24.96 28.10 10.37
C PHE A 16 25.07 28.53 11.83
N SER A 17 24.60 29.75 12.11
CA SER A 17 24.65 30.31 13.44
C SER A 17 23.48 29.85 14.30
N HIS A 18 22.33 29.68 13.66
CA HIS A 18 21.13 29.25 14.38
C HIS A 18 21.08 27.74 14.66
N LEU A 19 21.78 26.97 13.84
CA LEU A 19 21.77 25.51 13.99
C LEU A 19 23.07 24.88 14.48
N GLY A 20 24.19 25.56 14.26
CA GLY A 20 25.47 25.01 14.66
C GLY A 20 26.00 24.21 13.48
N LYS A 21 27.27 23.83 13.52
CA LYS A 21 27.87 23.08 12.41
C LYS A 21 27.23 21.72 12.11
N GLU A 22 26.89 20.97 13.15
CA GLU A 22 26.31 19.65 12.95
C GLU A 22 24.97 19.70 12.23
N ASP A 23 24.00 20.41 12.79
CA ASP A 23 22.68 20.50 12.16
C ASP A 23 22.67 21.21 10.81
N PHE A 24 23.63 22.10 10.58
CA PHE A 24 23.71 22.81 9.31
C PHE A 24 24.24 21.82 8.27
N THR A 25 25.08 20.89 8.73
CA THR A 25 25.64 19.89 7.84
C THR A 25 24.51 18.95 7.42
N SER A 26 23.62 18.63 8.36
CA SER A 26 22.49 17.75 8.06
C SER A 26 21.55 18.45 7.09
N LEU A 27 21.27 19.73 7.36
CA LEU A 27 20.41 20.52 6.50
C LEU A 27 20.98 20.46 5.10
N SER A 28 22.30 20.60 4.99
CA SER A 28 22.98 20.58 3.70
C SER A 28 23.00 19.23 3.04
N LEU A 29 23.08 18.16 3.84
CA LEU A 29 23.11 16.82 3.28
C LEU A 29 21.78 16.58 2.58
N VAL A 30 20.69 16.95 3.25
CA VAL A 30 19.35 16.81 2.69
C VAL A 30 19.20 17.69 1.44
N LEU A 31 19.57 18.96 1.58
CA LEU A 31 19.46 19.94 0.49
C LEU A 31 20.18 19.58 -0.79
N TYR A 32 21.44 19.16 -0.68
CA TYR A 32 22.18 18.80 -1.87
C TYR A 32 21.85 17.40 -2.36
N SER A 33 21.15 16.61 -1.54
CA SER A 33 20.76 15.28 -1.97
C SER A 33 19.56 15.39 -2.90
N ARG A 34 18.57 16.18 -2.51
CA ARG A 34 17.38 16.35 -3.35
C ARG A 34 17.75 17.09 -4.64
N LYS A 35 18.69 18.01 -4.53
CA LYS A 35 19.17 18.80 -5.66
C LYS A 35 19.92 17.93 -6.67
N PHE A 36 20.65 16.93 -6.18
CA PHE A 36 21.39 16.01 -7.05
C PHE A 36 20.89 14.57 -6.83
N PRO A 37 19.69 14.26 -7.33
CA PRO A 37 19.08 12.93 -7.20
C PRO A 37 19.96 11.76 -7.62
N SER A 38 20.77 11.95 -8.66
CA SER A 38 21.63 10.89 -9.17
C SER A 38 23.00 10.80 -8.49
N GLY A 39 23.27 11.72 -7.57
CA GLY A 39 24.55 11.72 -6.91
C GLY A 39 24.81 10.56 -5.98
N THR A 40 26.00 9.96 -6.11
CA THR A 40 26.37 8.84 -5.24
C THR A 40 26.46 9.37 -3.81
N PHE A 41 26.57 8.47 -2.84
CA PHE A 41 26.62 8.92 -1.45
C PHE A 41 27.90 9.72 -1.17
N GLU A 42 28.98 9.43 -1.89
CA GLU A 42 30.24 10.14 -1.67
C GLU A 42 30.36 11.47 -2.42
N GLN A 43 29.75 11.57 -3.59
CA GLN A 43 29.82 12.81 -4.32
C GLN A 43 29.05 13.88 -3.57
N VAL A 44 27.91 13.50 -2.98
CA VAL A 44 27.09 14.44 -2.23
C VAL A 44 27.69 14.73 -0.85
N SER A 45 28.26 13.71 -0.22
CA SER A 45 28.87 13.90 1.10
C SER A 45 30.11 14.76 0.98
N GLN A 46 30.80 14.60 -0.15
CA GLN A 46 32.03 15.34 -0.42
C GLN A 46 31.71 16.81 -0.67
N LEU A 47 30.75 17.05 -1.55
CA LEU A 47 30.32 18.41 -1.85
C LEU A 47 29.82 19.08 -0.56
N VAL A 48 28.91 18.41 0.13
CA VAL A 48 28.37 18.94 1.38
C VAL A 48 29.52 19.35 2.29
N LYS A 49 30.58 18.55 2.28
CA LYS A 49 31.75 18.82 3.11
C LYS A 49 32.42 20.14 2.70
N GLU A 50 32.49 20.41 1.39
CA GLU A 50 33.08 21.64 0.89
C GLU A 50 32.17 22.82 1.24
N VAL A 51 30.88 22.67 0.96
CA VAL A 51 29.91 23.72 1.25
C VAL A 51 29.97 24.16 2.71
N VAL A 52 29.98 23.19 3.63
CA VAL A 52 30.02 23.53 5.06
C VAL A 52 31.33 24.18 5.45
N SER A 53 32.40 23.83 4.76
CA SER A 53 33.72 24.40 5.02
C SER A 53 33.70 25.89 4.65
N LEU A 54 33.36 26.19 3.39
CA LEU A 54 33.29 27.56 2.92
C LEU A 54 32.42 28.38 3.87
N THR A 55 31.24 27.86 4.17
CA THR A 55 30.27 28.54 5.03
C THR A 55 30.85 28.91 6.38
N GLU A 56 31.54 27.98 7.01
CA GLU A 56 32.13 28.23 8.31
C GLU A 56 33.18 29.35 8.20
N ALA A 57 34.07 29.20 7.23
CA ALA A 57 35.14 30.15 6.99
C ALA A 57 34.61 31.53 6.61
N CYS A 58 33.83 31.57 5.55
CA CYS A 58 33.27 32.83 5.05
C CYS A 58 32.24 33.52 5.94
N CYS A 59 31.74 32.81 6.94
CA CYS A 59 30.75 33.39 7.86
C CYS A 59 31.43 33.78 9.17
N ALA A 60 32.71 33.43 9.30
CA ALA A 60 33.48 33.74 10.50
C ALA A 60 33.67 35.24 10.67
N GLU A 61 33.67 35.69 11.92
CA GLU A 61 33.85 37.11 12.22
C GLU A 61 35.17 37.62 11.62
N GLY A 62 35.08 38.70 10.85
CA GLY A 62 36.27 39.26 10.23
C GLY A 62 36.58 38.63 8.88
N ALA A 63 35.68 37.77 8.43
CA ALA A 63 35.84 37.09 7.15
C ALA A 63 35.88 38.10 6.01
N ASP A 64 36.74 37.85 5.03
CA ASP A 64 36.87 38.74 3.88
C ASP A 64 35.51 38.84 3.17
N PRO A 65 35.04 40.07 2.92
CA PRO A 65 33.76 40.32 2.25
C PRO A 65 33.60 39.62 0.89
N ASP A 66 34.70 39.14 0.33
CA ASP A 66 34.64 38.46 -0.95
C ASP A 66 34.69 36.94 -0.82
N CYS A 67 35.11 36.49 0.36
CA CYS A 67 35.24 35.07 0.70
C CYS A 67 34.16 34.13 0.14
N TYR A 68 32.93 34.29 0.63
CA TYR A 68 31.84 33.44 0.20
C TYR A 68 31.71 33.34 -1.31
N ASP A 69 31.67 34.49 -1.98
CA ASP A 69 31.54 34.51 -3.43
C ASP A 69 32.78 34.00 -4.14
N THR A 70 33.91 33.96 -3.42
CA THR A 70 35.16 33.48 -4.01
C THR A 70 35.25 31.97 -3.90
N ARG A 71 34.95 31.44 -2.72
CA ARG A 71 35.00 30.01 -2.47
C ARG A 71 33.97 29.27 -3.31
N THR A 72 32.73 29.76 -3.29
CA THR A 72 31.66 29.12 -4.05
C THR A 72 31.98 29.04 -5.54
N SER A 73 32.83 29.93 -6.04
CA SER A 73 33.21 29.91 -7.44
C SER A 73 34.33 28.88 -7.64
N ALA A 74 35.14 28.67 -6.61
CA ALA A 74 36.21 27.69 -6.66
C ALA A 74 35.58 26.32 -6.46
N LEU A 75 34.33 26.32 -6.01
CA LEU A 75 33.59 25.10 -5.79
C LEU A 75 33.04 24.68 -7.15
N SER A 76 32.55 25.65 -7.89
CA SER A 76 31.98 25.41 -9.21
C SER A 76 33.10 25.02 -10.18
N ALA A 77 34.29 25.56 -9.94
CA ALA A 77 35.45 25.28 -10.77
C ALA A 77 35.76 23.79 -10.69
N LYS A 78 35.67 23.23 -9.49
CA LYS A 78 35.94 21.81 -9.26
C LYS A 78 34.87 20.95 -9.93
N SER A 79 33.66 21.50 -10.05
CA SER A 79 32.53 20.78 -10.66
C SER A 79 32.67 20.68 -12.17
N CYS A 80 33.79 21.14 -12.70
CA CYS A 80 34.04 21.10 -14.14
C CYS A 80 35.30 20.30 -14.49
N GLU A 81 35.94 19.74 -13.47
CA GLU A 81 37.17 18.97 -13.64
C GLU A 81 37.02 17.65 -14.39
N SER A 82 35.80 17.30 -14.79
CA SER A 82 35.59 16.05 -15.51
C SER A 82 35.72 14.89 -14.53
N ASN A 83 36.91 14.74 -13.95
CA ASN A 83 37.17 13.72 -12.96
C ASN A 83 36.81 14.39 -11.62
N SER A 84 35.66 15.06 -11.63
CA SER A 84 35.18 15.78 -10.45
C SER A 84 34.60 14.84 -9.41
N PRO A 85 34.83 15.15 -8.12
CA PRO A 85 34.35 14.37 -6.99
C PRO A 85 32.95 14.83 -6.57
N PHE A 86 32.40 15.78 -7.32
CA PHE A 86 31.09 16.32 -7.04
C PHE A 86 30.07 15.80 -8.05
N PRO A 87 28.77 15.86 -7.70
CA PRO A 87 27.73 15.39 -8.61
C PRO A 87 27.70 16.36 -9.80
N VAL A 88 26.74 16.19 -10.70
CA VAL A 88 26.65 17.08 -11.85
C VAL A 88 25.28 17.01 -12.48
N HIS A 89 24.65 18.17 -12.66
CA HIS A 89 23.33 18.22 -13.28
C HIS A 89 23.45 17.88 -14.75
N PRO A 90 22.37 17.36 -15.35
CA PRO A 90 22.39 17.00 -16.77
C PRO A 90 22.93 18.13 -17.63
N GLY A 91 24.09 17.90 -18.24
CA GLY A 91 24.70 18.90 -19.10
C GLY A 91 25.30 20.08 -18.36
N THR A 92 25.76 19.86 -17.13
CA THR A 92 26.37 20.94 -16.36
C THR A 92 27.61 21.42 -17.11
N ALA A 93 28.17 20.56 -17.95
CA ALA A 93 29.37 20.87 -18.73
C ALA A 93 29.09 21.96 -19.76
N GLU A 94 27.94 21.86 -20.43
CA GLU A 94 27.55 22.85 -21.45
C GLU A 94 27.29 24.19 -20.76
N CYS A 95 27.79 24.31 -19.55
CA CYS A 95 27.64 25.53 -18.76
C CYS A 95 28.98 25.93 -18.15
N CYS A 96 29.95 25.02 -18.21
CA CYS A 96 31.28 25.27 -17.67
C CYS A 96 32.14 26.14 -18.59
N THR A 97 31.57 27.23 -19.08
CA THR A 97 32.29 28.13 -19.98
C THR A 97 31.67 29.54 -20.00
N LEU A 105 26.23 32.35 -14.50
CA LEU A 105 26.25 31.15 -13.64
C LEU A 105 24.98 30.32 -13.76
N CYS A 106 24.98 29.38 -14.70
CA CYS A 106 23.85 28.47 -14.94
C CYS A 106 23.96 27.30 -13.98
N MET A 107 25.16 27.10 -13.46
CA MET A 107 25.45 26.03 -12.52
C MET A 107 24.92 26.37 -11.12
N ALA A 108 24.17 27.46 -11.04
CA ALA A 108 23.59 27.91 -9.78
C ALA A 108 22.17 27.38 -9.65
N ALA A 109 21.44 27.38 -10.76
CA ALA A 109 20.06 26.91 -10.77
C ALA A 109 19.74 26.13 -12.05
N LEU A 110 20.12 24.85 -12.06
CA LEU A 110 19.86 23.98 -13.21
C LEU A 110 18.79 22.98 -12.77
N LYS A 111 18.07 22.40 -13.73
CA LYS A 111 17.00 21.46 -13.40
C LYS A 111 17.37 19.97 -13.36
N HIS A 112 16.67 19.24 -12.49
CA HIS A 112 16.84 17.79 -12.35
C HIS A 112 15.43 17.19 -12.43
N GLN A 113 15.25 16.22 -13.33
CA GLN A 113 13.94 15.61 -13.46
C GLN A 113 13.53 14.79 -12.24
N PRO A 114 12.22 14.68 -12.00
CA PRO A 114 11.67 13.93 -10.86
C PRO A 114 12.03 12.45 -10.88
N GLN A 115 11.96 11.81 -9.73
CA GLN A 115 12.22 10.38 -9.63
C GLN A 115 10.85 9.71 -9.61
N GLU A 116 10.55 8.96 -10.66
CA GLU A 116 9.27 8.28 -10.79
C GLU A 116 9.31 6.83 -10.29
N PHE A 117 10.51 6.30 -10.09
CA PHE A 117 10.70 4.93 -9.60
C PHE A 117 11.72 4.90 -8.45
N PRO A 118 11.37 5.47 -7.29
CA PRO A 118 12.30 5.48 -6.16
C PRO A 118 12.74 4.06 -5.77
N THR A 119 14.01 3.90 -5.42
CA THR A 119 14.52 2.58 -5.04
C THR A 119 14.64 2.38 -3.54
N TYR A 120 14.61 3.49 -2.80
CA TYR A 120 14.70 3.42 -1.34
C TYR A 120 13.72 2.43 -0.77
N VAL A 121 14.26 1.53 0.06
CA VAL A 121 13.44 0.54 0.71
C VAL A 121 13.78 0.51 2.21
N GLU A 122 12.88 1.00 3.04
CA GLU A 122 13.16 1.00 4.46
C GLU A 122 13.40 -0.43 4.90
N PRO A 123 14.50 -0.67 5.62
CA PRO A 123 14.84 -2.02 6.10
C PRO A 123 13.91 -2.41 7.25
N THR A 124 13.97 -3.66 7.68
CA THR A 124 13.13 -4.12 8.77
C THR A 124 13.55 -3.43 10.06
N ASN A 125 12.74 -3.55 11.10
CA ASN A 125 13.09 -2.92 12.37
C ASN A 125 14.42 -3.50 12.86
N ASP A 126 14.56 -4.82 12.76
CA ASP A 126 15.79 -5.47 13.18
C ASP A 126 17.01 -4.92 12.42
N GLU A 127 16.89 -4.77 11.10
CA GLU A 127 18.00 -4.26 10.29
C GLU A 127 18.26 -2.79 10.59
N ILE A 128 17.20 -2.01 10.80
CA ILE A 128 17.36 -0.60 11.11
C ILE A 128 18.18 -0.45 12.39
N CYS A 129 17.78 -1.15 13.44
CA CYS A 129 18.48 -1.07 14.71
C CYS A 129 19.89 -1.70 14.65
N GLU A 130 20.07 -2.67 13.75
CA GLU A 130 21.37 -3.32 13.60
C GLU A 130 22.37 -2.32 13.01
N ALA A 131 21.90 -1.47 12.10
CA ALA A 131 22.77 -0.48 11.48
C ALA A 131 22.92 0.77 12.34
N PHE A 132 21.91 1.06 13.15
CA PHE A 132 21.95 2.24 14.01
C PHE A 132 22.94 2.03 15.15
N ARG A 133 23.04 0.79 15.64
CA ARG A 133 23.95 0.45 16.73
C ARG A 133 25.38 0.59 16.25
N LYS A 134 25.66 -0.05 15.12
CA LYS A 134 26.98 -0.01 14.51
C LYS A 134 27.54 1.39 14.49
N ASP A 135 26.77 2.33 13.94
CA ASP A 135 27.20 3.72 13.83
C ASP A 135 26.04 4.70 13.61
N PRO A 136 25.53 5.31 14.69
CA PRO A 136 24.42 6.26 14.61
C PRO A 136 24.58 7.38 13.57
N LYS A 137 25.72 8.07 13.60
CA LYS A 137 25.99 9.15 12.65
C LYS A 137 25.95 8.65 11.22
N GLU A 138 26.65 7.54 10.98
CA GLU A 138 26.69 6.95 9.65
C GLU A 138 25.29 6.61 9.17
N TYR A 139 24.55 5.88 9.98
CA TYR A 139 23.19 5.49 9.65
C TYR A 139 22.34 6.71 9.26
N ALA A 140 22.32 7.70 10.14
CA ALA A 140 21.57 8.93 9.92
C ALA A 140 21.94 9.61 8.60
N ASN A 141 23.24 9.66 8.29
CA ASN A 141 23.69 10.29 7.05
C ASN A 141 23.29 9.50 5.81
N GLN A 142 23.53 8.20 5.85
CA GLN A 142 23.19 7.34 4.72
C GLN A 142 21.68 7.42 4.45
N PHE A 143 20.90 7.52 5.53
CA PHE A 143 19.45 7.62 5.43
C PHE A 143 18.99 8.95 4.83
N MET A 144 19.56 10.05 5.30
CA MET A 144 19.20 11.37 4.78
C MET A 144 19.51 11.45 3.31
N TRP A 145 20.62 10.83 2.90
CA TRP A 145 20.99 10.86 1.50
C TRP A 145 20.01 10.07 0.63
N GLU A 146 19.89 8.78 0.92
CA GLU A 146 19.03 7.92 0.10
C GLU A 146 17.58 8.37 0.07
N TYR A 147 17.06 8.82 1.20
CA TYR A 147 15.68 9.26 1.23
C TYR A 147 15.48 10.54 0.42
N SER A 148 16.34 11.52 0.65
CA SER A 148 16.26 12.80 -0.05
C SER A 148 16.52 12.68 -1.54
N THR A 149 17.37 11.75 -1.94
CA THR A 149 17.64 11.55 -3.36
C THR A 149 16.46 10.84 -4.01
N ASN A 150 15.70 10.08 -3.23
CA ASN A 150 14.56 9.35 -3.80
C ASN A 150 13.22 10.08 -3.75
N TYR A 151 13.09 11.02 -2.83
CA TYR A 151 11.86 11.80 -2.68
C TYR A 151 12.22 13.28 -2.67
N GLY A 152 13.08 13.66 -3.60
CA GLY A 152 13.55 15.03 -3.67
C GLY A 152 12.62 16.12 -4.11
N GLN A 153 11.47 15.76 -4.68
CA GLN A 153 10.53 16.78 -5.12
C GLN A 153 9.67 17.33 -4.00
N ALA A 154 9.75 16.74 -2.82
CA ALA A 154 8.99 17.24 -1.69
C ALA A 154 9.73 18.49 -1.22
N PRO A 155 9.00 19.51 -0.74
CA PRO A 155 9.66 20.73 -0.27
C PRO A 155 10.78 20.40 0.71
N LEU A 156 11.84 21.20 0.71
CA LEU A 156 12.99 21.01 1.58
C LEU A 156 12.64 20.97 3.07
N SER A 157 11.80 21.91 3.52
CA SER A 157 11.42 21.95 4.93
C SER A 157 10.72 20.67 5.35
N LEU A 158 10.01 20.05 4.42
CA LEU A 158 9.29 18.82 4.71
C LEU A 158 10.26 17.66 4.84
N LEU A 159 11.26 17.62 3.96
CA LEU A 159 12.27 16.57 3.99
C LEU A 159 13.14 16.64 5.26
N VAL A 160 13.56 17.85 5.60
CA VAL A 160 14.37 18.07 6.79
C VAL A 160 13.58 17.67 8.02
N SER A 161 12.32 18.10 8.05
CA SER A 161 11.46 17.80 9.18
C SER A 161 11.16 16.31 9.34
N TYR A 162 10.91 15.64 8.22
CA TYR A 162 10.61 14.21 8.25
C TYR A 162 11.84 13.39 8.61
N THR A 163 12.92 13.59 7.88
CA THR A 163 14.14 12.82 8.14
C THR A 163 14.59 13.05 9.59
N LYS A 164 14.29 14.23 10.12
CA LYS A 164 14.65 14.57 11.49
C LYS A 164 13.79 13.76 12.47
N SER A 165 12.48 13.77 12.28
CA SER A 165 11.57 13.04 13.16
C SER A 165 11.72 11.53 13.02
N TYR A 166 12.06 11.07 11.82
CA TYR A 166 12.26 9.64 11.59
C TYR A 166 13.48 9.16 12.40
N LEU A 167 14.57 9.91 12.32
CA LEU A 167 15.79 9.55 13.06
C LEU A 167 15.54 9.62 14.56
N SER A 168 14.71 10.57 14.99
CA SER A 168 14.41 10.68 16.40
C SER A 168 13.63 9.45 16.84
N MET A 169 12.97 8.79 15.89
CA MET A 169 12.20 7.58 16.20
C MET A 169 13.12 6.36 16.29
N VAL A 170 14.07 6.26 15.37
CA VAL A 170 14.98 5.12 15.38
C VAL A 170 15.81 5.11 16.67
N GLY A 171 16.40 6.25 16.99
CA GLY A 171 17.18 6.32 18.21
C GLY A 171 16.34 6.03 19.43
N SER A 172 15.09 6.48 19.42
CA SER A 172 14.22 6.26 20.55
C SER A 172 13.65 4.84 20.68
N CYS A 173 13.35 4.20 19.56
CA CYS A 173 12.80 2.86 19.59
C CYS A 173 13.83 1.73 19.65
N CYS A 174 15.02 1.95 19.11
CA CYS A 174 16.04 0.91 19.14
C CYS A 174 16.65 0.74 20.53
N THR A 175 16.43 1.71 21.41
CA THR A 175 16.96 1.62 22.78
C THR A 175 15.81 1.52 23.79
N SER A 176 14.65 1.10 23.29
CA SER A 176 13.46 0.95 24.12
C SER A 176 13.34 -0.48 24.62
N ALA A 177 12.74 -0.64 25.80
CA ALA A 177 12.54 -1.96 26.38
C ALA A 177 11.63 -2.80 25.47
N SER A 178 10.80 -2.13 24.68
CA SER A 178 9.90 -2.84 23.77
C SER A 178 9.99 -2.23 22.38
N PRO A 179 11.07 -2.48 21.64
CA PRO A 179 11.23 -1.92 20.29
C PRO A 179 9.99 -2.02 19.43
N THR A 180 9.47 -3.23 19.26
CA THR A 180 8.28 -3.43 18.46
C THR A 180 7.10 -2.55 18.89
N VAL A 181 6.84 -2.49 20.19
CA VAL A 181 5.76 -1.67 20.69
C VAL A 181 6.02 -0.18 20.42
N CYS A 182 7.25 0.26 20.64
CA CYS A 182 7.64 1.65 20.42
C CYS A 182 7.48 2.02 18.96
N PHE A 183 7.90 1.14 18.07
CA PHE A 183 7.78 1.44 16.63
C PHE A 183 6.34 1.63 16.18
N LEU A 184 5.41 0.88 16.76
CA LEU A 184 4.03 1.05 16.37
C LEU A 184 3.56 2.41 16.82
N LYS A 185 3.88 2.75 18.06
CA LYS A 185 3.48 4.04 18.60
C LYS A 185 4.09 5.20 17.82
N GLU A 186 5.41 5.16 17.64
CA GLU A 186 6.09 6.22 16.92
C GLU A 186 5.72 6.31 15.45
N ARG A 187 5.51 5.18 14.79
CA ARG A 187 5.14 5.21 13.37
C ARG A 187 3.76 5.83 13.14
N LEU A 188 2.85 5.66 14.11
CA LEU A 188 1.51 6.22 13.99
C LEU A 188 1.51 7.72 14.25
N GLN A 189 2.41 8.18 15.10
CA GLN A 189 2.50 9.61 15.40
C GLN A 189 3.24 10.31 14.26
N LEU A 190 4.04 9.53 13.52
CA LEU A 190 4.82 10.04 12.39
C LEU A 190 4.03 10.03 11.09
N LYS A 191 2.95 9.25 11.07
CA LYS A 191 2.06 9.12 9.91
C LYS A 191 1.76 10.45 9.19
N HIS A 192 1.29 11.45 9.95
CA HIS A 192 0.96 12.74 9.36
C HIS A 192 2.07 13.29 8.47
N LEU A 193 3.22 13.54 9.07
CA LEU A 193 4.38 14.08 8.37
C LEU A 193 4.88 13.16 7.25
N SER A 194 4.92 11.87 7.55
CA SER A 194 5.37 10.85 6.60
C SER A 194 4.51 10.88 5.33
N LEU A 195 3.19 10.95 5.51
CA LEU A 195 2.24 11.00 4.39
C LEU A 195 2.44 12.32 3.62
N LEU A 196 2.46 13.41 4.36
CA LEU A 196 2.66 14.73 3.78
C LEU A 196 3.94 14.76 2.93
N THR A 197 5.01 14.15 3.43
CA THR A 197 6.29 14.13 2.73
C THR A 197 6.35 13.28 1.47
N THR A 198 5.89 12.04 1.58
CA THR A 198 5.93 11.13 0.45
C THR A 198 4.92 11.48 -0.62
N LEU A 199 3.75 11.96 -0.20
CA LEU A 199 2.69 12.34 -1.15
C LEU A 199 3.02 13.65 -1.85
N SER A 200 3.62 14.61 -1.13
CA SER A 200 3.97 15.87 -1.76
C SER A 200 5.03 15.60 -2.83
N ASN A 201 5.97 14.71 -2.54
CA ASN A 201 6.99 14.39 -3.52
C ASN A 201 6.36 13.84 -4.78
N ARG A 202 5.41 12.93 -4.62
CA ARG A 202 4.75 12.33 -5.77
C ARG A 202 3.94 13.33 -6.59
N VAL A 203 3.07 14.10 -5.95
CA VAL A 203 2.27 15.06 -6.70
C VAL A 203 3.16 16.12 -7.35
N CYS A 204 4.21 16.54 -6.64
CA CYS A 204 5.13 17.52 -7.17
C CYS A 204 5.97 16.99 -8.33
N SER A 205 6.27 15.69 -8.32
CA SER A 205 7.05 15.10 -9.39
C SER A 205 6.20 15.06 -10.66
N GLN A 206 4.90 14.86 -10.48
CA GLN A 206 4.00 14.82 -11.64
C GLN A 206 3.88 16.24 -12.18
N TYR A 207 3.75 17.20 -11.28
CA TYR A 207 3.65 18.59 -11.65
C TYR A 207 4.91 19.02 -12.41
N ALA A 208 6.08 18.67 -11.88
CA ALA A 208 7.35 19.04 -12.51
C ALA A 208 7.47 18.45 -13.91
N ALA A 209 6.98 17.22 -14.07
CA ALA A 209 7.04 16.55 -15.35
C ALA A 209 6.10 17.17 -16.39
N TYR A 210 4.92 17.58 -15.95
CA TYR A 210 3.91 18.15 -16.86
C TYR A 210 3.98 19.64 -17.15
N GLY A 211 4.19 20.44 -16.11
CA GLY A 211 4.21 21.88 -16.28
C GLY A 211 2.80 22.28 -15.83
N GLU A 212 2.62 23.52 -15.40
CA GLU A 212 1.30 23.95 -14.92
C GLU A 212 0.12 23.66 -15.85
N LYS A 213 0.24 23.98 -17.13
CA LYS A 213 -0.87 23.75 -18.07
C LYS A 213 -1.29 22.27 -18.16
N LYS A 214 -0.36 21.38 -18.49
CA LYS A 214 -0.70 19.96 -18.58
C LYS A 214 -1.17 19.46 -17.21
N SER A 215 -0.48 19.88 -16.15
CA SER A 215 -0.83 19.47 -14.80
C SER A 215 -2.30 19.74 -14.50
N ARG A 216 -2.75 20.95 -14.82
CA ARG A 216 -4.13 21.38 -14.63
C ARG A 216 -5.07 20.40 -15.33
N LEU A 217 -4.80 20.20 -16.61
CA LEU A 217 -5.59 19.29 -17.43
C LEU A 217 -5.60 17.92 -16.79
N SER A 218 -4.40 17.45 -16.44
CA SER A 218 -4.22 16.14 -15.80
C SER A 218 -5.10 15.96 -14.57
N ASN A 219 -5.09 16.93 -13.67
CA ASN A 219 -5.89 16.84 -12.45
C ASN A 219 -7.39 16.89 -12.73
N LEU A 220 -7.78 17.53 -13.82
CA LEU A 220 -9.19 17.59 -14.17
C LEU A 220 -9.59 16.20 -14.69
N ILE A 221 -8.75 15.62 -15.53
CA ILE A 221 -9.00 14.29 -16.08
C ILE A 221 -9.12 13.27 -14.98
N LYS A 222 -8.14 13.23 -14.09
CA LYS A 222 -8.14 12.29 -12.97
C LYS A 222 -9.35 12.44 -12.06
N LEU A 223 -9.72 13.68 -11.73
CA LEU A 223 -10.88 13.91 -10.86
C LEU A 223 -12.16 13.47 -11.57
N ALA A 224 -12.17 13.61 -12.89
CA ALA A 224 -13.33 13.23 -13.68
C ALA A 224 -13.47 11.71 -13.67
N GLN A 225 -12.35 10.99 -13.70
CA GLN A 225 -12.39 9.54 -13.71
C GLN A 225 -12.73 8.95 -12.34
N LYS A 226 -12.42 9.68 -11.27
CA LYS A 226 -12.73 9.19 -9.93
C LYS A 226 -14.20 9.43 -9.60
N VAL A 227 -14.74 10.56 -10.06
CA VAL A 227 -16.15 10.89 -9.80
C VAL A 227 -16.86 11.20 -11.12
N PRO A 228 -17.05 10.18 -11.98
CA PRO A 228 -17.70 10.35 -13.27
C PRO A 228 -19.10 10.96 -13.20
N THR A 229 -19.82 10.67 -12.13
CA THR A 229 -21.18 11.18 -11.96
C THR A 229 -21.21 12.53 -11.28
N ALA A 230 -20.20 13.35 -11.53
CA ALA A 230 -20.14 14.68 -10.91
C ALA A 230 -20.28 15.75 -12.00
N ASP A 231 -20.47 16.99 -11.58
CA ASP A 231 -20.60 18.08 -12.52
C ASP A 231 -19.30 18.86 -12.64
N LEU A 232 -18.98 19.30 -13.85
CA LEU A 232 -17.77 20.06 -14.09
C LEU A 232 -17.50 21.04 -12.96
N GLU A 233 -18.55 21.73 -12.51
CA GLU A 233 -18.41 22.71 -11.43
C GLU A 233 -18.00 22.09 -10.11
N ASP A 234 -18.26 20.80 -9.95
CA ASP A 234 -17.90 20.11 -8.72
C ASP A 234 -16.40 19.82 -8.66
N VAL A 235 -15.82 19.43 -9.80
CA VAL A 235 -14.42 19.09 -9.85
C VAL A 235 -13.44 20.14 -10.40
N LEU A 236 -13.83 20.85 -11.45
CA LEU A 236 -12.95 21.86 -12.05
C LEU A 236 -12.29 22.79 -11.03
N PRO A 237 -13.06 23.27 -10.03
CA PRO A 237 -12.50 24.17 -9.01
C PRO A 237 -11.45 23.45 -8.17
N LEU A 238 -11.67 22.15 -7.96
CA LEU A 238 -10.77 21.31 -7.18
C LEU A 238 -9.49 21.02 -7.97
N ALA A 239 -9.64 20.65 -9.23
CA ALA A 239 -8.50 20.37 -10.08
C ALA A 239 -7.63 21.62 -10.19
N GLU A 240 -8.29 22.78 -10.22
CA GLU A 240 -7.60 24.05 -10.33
C GLU A 240 -6.95 24.44 -9.01
N ASP A 241 -7.56 24.02 -7.90
CA ASP A 241 -7.06 24.33 -6.57
C ASP A 241 -5.74 23.59 -6.34
N ILE A 242 -5.71 22.30 -6.62
CA ILE A 242 -4.50 21.52 -6.43
C ILE A 242 -3.38 22.03 -7.33
N THR A 243 -3.70 22.37 -8.58
CA THR A 243 -2.67 22.87 -9.49
C THR A 243 -2.02 24.13 -8.92
N ASN A 244 -2.84 24.98 -8.33
CA ASN A 244 -2.35 26.23 -7.76
C ASN A 244 -1.48 25.96 -6.55
N ILE A 245 -1.86 24.96 -5.76
CA ILE A 245 -1.09 24.59 -4.58
C ILE A 245 0.23 23.99 -5.02
N LEU A 246 0.22 23.27 -6.14
CA LEU A 246 1.42 22.65 -6.66
C LEU A 246 2.44 23.66 -7.15
N SER A 247 2.01 24.59 -8.01
CA SER A 247 2.91 25.60 -8.55
C SER A 247 3.42 26.53 -7.45
N LYS A 248 2.63 26.68 -6.38
CA LYS A 248 3.00 27.54 -5.28
C LYS A 248 3.89 26.90 -4.23
N CYS A 249 3.48 25.72 -3.76
CA CYS A 249 4.20 25.01 -2.70
C CYS A 249 5.33 24.04 -3.03
N CYS A 250 5.33 23.45 -4.22
CA CYS A 250 6.38 22.50 -4.55
C CYS A 250 7.79 23.06 -4.45
N GLU A 251 7.98 24.30 -4.88
CA GLU A 251 9.30 24.93 -4.80
C GLU A 251 9.25 26.22 -3.98
N SER A 252 8.81 26.11 -2.72
CA SER A 252 8.69 27.26 -1.83
C SER A 252 9.41 27.09 -0.49
N ALA A 253 10.26 28.06 -0.15
CA ALA A 253 11.00 28.02 1.11
C ALA A 253 10.09 28.19 2.32
N SER A 254 8.83 28.54 2.06
CA SER A 254 7.86 28.73 3.11
C SER A 254 7.53 27.38 3.75
N GLU A 255 8.08 27.15 4.94
CA GLU A 255 7.88 25.90 5.67
C GLU A 255 6.46 25.77 6.21
N ASP A 256 5.48 26.16 5.39
CA ASP A 256 4.07 26.08 5.79
C ASP A 256 3.17 25.91 4.57
N CYS A 257 3.62 26.43 3.44
CA CYS A 257 2.86 26.35 2.20
C CYS A 257 2.21 24.98 2.04
N MET A 258 3.00 23.99 1.62
CA MET A 258 2.48 22.64 1.43
C MET A 258 1.81 22.09 2.67
N ALA A 259 2.53 22.10 3.78
CA ALA A 259 1.99 21.59 5.05
C ALA A 259 0.61 22.16 5.36
N LYS A 260 0.40 23.43 5.01
CA LYS A 260 -0.88 24.09 5.27
C LYS A 260 -1.89 23.89 4.14
N GLU A 261 -1.48 24.18 2.91
CA GLU A 261 -2.33 24.08 1.73
C GLU A 261 -2.93 22.69 1.44
N LEU A 262 -2.09 21.66 1.46
CA LEU A 262 -2.53 20.31 1.16
C LEU A 262 -3.69 19.80 2.03
N PRO A 263 -3.60 20.00 3.35
CA PRO A 263 -4.70 19.54 4.22
C PRO A 263 -5.99 20.33 3.96
N GLU A 264 -5.82 21.60 3.59
CA GLU A 264 -6.95 22.47 3.30
C GLU A 264 -7.61 22.10 1.97
N HIS A 265 -6.84 21.50 1.07
CA HIS A 265 -7.38 21.08 -0.22
C HIS A 265 -8.29 19.89 0.00
N THR A 266 -7.89 19.02 0.93
CA THR A 266 -8.62 17.81 1.26
C THR A 266 -9.98 18.10 1.87
N VAL A 267 -10.07 19.20 2.62
CA VAL A 267 -11.33 19.59 3.24
C VAL A 267 -12.30 20.01 2.13
N LYS A 268 -11.80 20.76 1.16
CA LYS A 268 -12.64 21.19 0.05
C LYS A 268 -13.04 19.96 -0.76
N LEU A 269 -12.07 19.07 -0.96
CA LEU A 269 -12.31 17.85 -1.72
C LEU A 269 -13.53 17.14 -1.12
N CYS A 270 -13.52 16.98 0.20
CA CYS A 270 -14.61 16.31 0.90
C CYS A 270 -15.89 17.10 0.99
N ASP A 271 -15.78 18.41 1.18
CA ASP A 271 -16.97 19.25 1.28
C ASP A 271 -17.80 19.15 0.00
N ASN A 272 -17.12 19.14 -1.14
CA ASN A 272 -17.78 19.07 -2.45
C ASN A 272 -18.04 17.69 -3.02
N LEU A 273 -17.15 16.73 -2.75
CA LEU A 273 -17.32 15.39 -3.30
C LEU A 273 -17.83 14.29 -2.37
N SER A 274 -17.79 14.54 -1.06
CA SER A 274 -18.24 13.55 -0.07
C SER A 274 -19.53 12.82 -0.44
N THR A 275 -20.51 13.56 -0.94
CA THR A 275 -21.80 12.96 -1.28
C THR A 275 -22.04 12.81 -2.77
N LYS A 276 -21.21 12.02 -3.44
CA LYS A 276 -21.38 11.80 -4.87
C LYS A 276 -20.90 10.43 -5.30
N ASN A 277 -20.20 9.76 -4.41
CA ASN A 277 -19.65 8.45 -4.72
C ASN A 277 -19.50 7.68 -3.42
N SER A 278 -19.73 6.38 -3.47
CA SER A 278 -19.59 5.51 -2.31
C SER A 278 -18.14 5.55 -1.83
N LYS A 279 -17.22 5.46 -2.78
CA LYS A 279 -15.79 5.47 -2.50
C LYS A 279 -15.32 6.79 -1.89
N PHE A 280 -15.78 7.91 -2.42
CA PHE A 280 -15.39 9.20 -1.86
C PHE A 280 -15.96 9.38 -0.46
N GLU A 281 -17.17 8.85 -0.25
CA GLU A 281 -17.78 8.94 1.06
C GLU A 281 -16.88 8.22 2.04
N ASP A 282 -16.44 7.03 1.66
CA ASP A 282 -15.56 6.24 2.51
C ASP A 282 -14.28 7.01 2.78
N CYS A 283 -13.66 7.52 1.72
CA CYS A 283 -12.44 8.30 1.85
C CYS A 283 -12.61 9.46 2.83
N CYS A 284 -13.71 10.19 2.69
CA CYS A 284 -13.94 11.35 3.55
C CYS A 284 -14.30 11.04 4.99
N GLN A 285 -14.52 9.77 5.29
CA GLN A 285 -14.83 9.39 6.66
C GLN A 285 -13.56 9.19 7.49
N GLU A 286 -12.41 9.18 6.81
CA GLU A 286 -11.13 8.99 7.48
C GLU A 286 -10.90 10.04 8.56
N LYS A 287 -10.06 9.71 9.54
CA LYS A 287 -9.75 10.58 10.66
C LYS A 287 -9.18 11.96 10.32
N THR A 288 -7.98 12.00 9.76
CA THR A 288 -7.35 13.27 9.43
C THR A 288 -7.31 13.56 7.94
N ALA A 289 -6.84 14.76 7.61
CA ALA A 289 -6.74 15.20 6.23
C ALA A 289 -5.89 14.27 5.39
N MET A 290 -4.66 14.02 5.84
CA MET A 290 -3.75 13.14 5.10
C MET A 290 -4.27 11.71 4.91
N ASP A 291 -5.07 11.22 5.86
CA ASP A 291 -5.62 9.88 5.74
C ASP A 291 -6.61 9.91 4.59
N VAL A 292 -7.29 11.05 4.45
CA VAL A 292 -8.25 11.25 3.38
C VAL A 292 -7.52 11.41 2.06
N PHE A 293 -6.49 12.26 2.04
CA PHE A 293 -5.74 12.50 0.82
C PHE A 293 -5.12 11.22 0.25
N VAL A 294 -4.55 10.37 1.10
CA VAL A 294 -3.96 9.14 0.60
C VAL A 294 -5.05 8.26 -0.05
N CYS A 295 -6.24 8.27 0.54
CA CYS A 295 -7.38 7.51 0.02
C CYS A 295 -7.87 8.07 -1.32
N THR A 296 -8.06 9.38 -1.39
CA THR A 296 -8.51 9.97 -2.64
C THR A 296 -7.42 9.92 -3.70
N TYR A 297 -6.16 10.00 -3.27
CA TYR A 297 -5.04 9.96 -4.22
C TYR A 297 -4.89 8.59 -4.85
N PHE A 298 -5.10 7.53 -4.06
CA PHE A 298 -4.96 6.17 -4.56
C PHE A 298 -6.22 5.69 -5.28
N MET A 299 -7.34 6.35 -5.05
CA MET A 299 -8.60 5.94 -5.67
C MET A 299 -8.43 5.75 -7.17
N PRO A 300 -8.71 4.52 -7.65
CA PRO A 300 -8.62 4.11 -9.05
C PRO A 300 -9.67 4.79 -9.94
N ALA A 301 -9.46 4.73 -11.25
CA ALA A 301 -10.44 5.29 -12.18
C ALA A 301 -11.66 4.41 -11.94
N ALA A 302 -12.84 5.01 -11.84
CA ALA A 302 -14.05 4.25 -11.58
C ALA A 302 -14.64 3.64 -12.83
N GLN A 303 -15.61 2.75 -12.65
CA GLN A 303 -16.28 2.14 -13.79
C GLN A 303 -16.98 3.32 -14.47
N LEU A 304 -16.61 3.60 -15.71
CA LEU A 304 -17.19 4.72 -16.43
C LEU A 304 -18.62 4.48 -16.90
N PRO A 305 -19.48 5.50 -16.77
CA PRO A 305 -20.90 5.52 -17.15
C PRO A 305 -21.21 5.01 -18.55
N GLU A 306 -20.35 5.33 -19.52
CA GLU A 306 -20.55 4.92 -20.90
C GLU A 306 -21.77 5.62 -21.49
N LEU A 307 -21.50 6.73 -22.17
CA LEU A 307 -22.53 7.53 -22.78
C LEU A 307 -22.19 7.66 -24.27
N PRO A 308 -23.01 8.38 -25.04
CA PRO A 308 -22.72 8.52 -26.47
C PRO A 308 -21.42 9.31 -26.65
N ASP A 309 -20.80 9.16 -27.81
CA ASP A 309 -19.55 9.86 -28.10
C ASP A 309 -19.64 11.35 -27.83
N VAL A 310 -18.48 11.98 -27.64
CA VAL A 310 -18.44 13.41 -27.38
C VAL A 310 -17.82 14.09 -28.60
N GLU A 311 -18.28 15.30 -28.90
CA GLU A 311 -17.80 16.04 -30.05
C GLU A 311 -16.60 16.93 -29.71
N LEU A 312 -15.57 16.86 -30.54
CA LEU A 312 -14.38 17.68 -30.33
C LEU A 312 -14.67 19.11 -30.77
N PRO A 313 -14.87 20.02 -29.81
CA PRO A 313 -15.15 21.44 -30.07
C PRO A 313 -14.29 22.03 -31.17
N THR A 314 -14.94 22.63 -32.17
CA THR A 314 -14.23 23.24 -33.29
C THR A 314 -14.92 24.50 -33.81
N ASN A 315 -15.63 25.20 -32.93
CA ASN A 315 -16.31 26.43 -33.34
C ASN A 315 -15.35 27.61 -33.19
N LYS A 316 -15.91 28.82 -33.09
CA LYS A 316 -15.07 30.02 -32.96
C LYS A 316 -14.32 30.07 -31.63
N ASP A 317 -15.05 29.93 -30.52
CA ASP A 317 -14.46 29.98 -29.18
C ASP A 317 -13.38 28.91 -29.00
N ASN A 323 -12.23 33.50 -22.96
CA ASN A 323 -12.03 32.62 -21.76
C ASN A 323 -11.42 31.27 -22.16
N THR A 324 -11.70 30.27 -21.33
CA THR A 324 -11.22 28.91 -21.56
C THR A 324 -12.09 27.93 -20.76
N LYS A 325 -13.36 27.82 -21.13
CA LYS A 325 -14.25 26.90 -20.42
C LYS A 325 -14.88 25.83 -21.31
N VAL A 326 -14.68 25.96 -22.62
CA VAL A 326 -15.24 24.98 -23.56
C VAL A 326 -14.33 23.76 -23.68
N MET A 327 -13.02 23.99 -23.68
CA MET A 327 -12.07 22.89 -23.77
C MET A 327 -12.06 22.11 -22.45
N ASP A 328 -12.29 22.82 -21.34
CA ASP A 328 -12.33 22.20 -20.02
C ASP A 328 -13.55 21.31 -19.97
N LYS A 329 -14.65 21.83 -20.50
CA LYS A 329 -15.90 21.09 -20.53
C LYS A 329 -15.72 19.82 -21.36
N TYR A 330 -15.11 19.96 -22.53
CA TYR A 330 -14.87 18.82 -23.40
C TYR A 330 -13.98 17.75 -22.75
N THR A 331 -12.90 18.20 -22.12
CA THR A 331 -11.97 17.28 -21.44
C THR A 331 -12.78 16.49 -20.42
N PHE A 332 -13.44 17.22 -19.54
CA PHE A 332 -14.28 16.64 -18.50
C PHE A 332 -15.21 15.58 -19.06
N GLU A 333 -15.95 15.94 -20.11
CA GLU A 333 -16.90 15.02 -20.74
C GLU A 333 -16.26 13.81 -21.39
N LEU A 334 -15.15 14.02 -22.07
CA LEU A 334 -14.45 12.94 -22.76
C LEU A 334 -13.88 11.91 -21.78
N SER A 335 -13.14 12.40 -20.80
CA SER A 335 -12.50 11.54 -19.82
C SER A 335 -13.49 10.76 -18.95
N ARG A 336 -14.63 11.37 -18.63
CA ARG A 336 -15.63 10.71 -17.79
C ARG A 336 -16.34 9.58 -18.52
N ARG A 337 -16.14 9.49 -19.84
CA ARG A 337 -16.81 8.45 -20.61
C ARG A 337 -15.87 7.60 -21.47
N THR A 338 -14.57 7.85 -21.35
CA THR A 338 -13.61 7.09 -22.11
C THR A 338 -12.72 6.25 -21.20
N HIS A 339 -12.73 4.94 -21.43
CA HIS A 339 -11.91 4.03 -20.63
C HIS A 339 -10.52 4.03 -21.25
N LEU A 340 -9.69 4.94 -20.76
CA LEU A 340 -8.32 5.08 -21.23
C LEU A 340 -7.63 5.78 -20.07
N PRO A 341 -6.43 5.34 -19.70
CA PRO A 341 -5.78 6.01 -18.58
C PRO A 341 -5.42 7.47 -18.80
N GLU A 342 -5.32 8.20 -17.70
CA GLU A 342 -4.99 9.61 -17.76
C GLU A 342 -3.69 9.94 -18.50
N VAL A 343 -2.68 9.05 -18.46
CA VAL A 343 -1.45 9.40 -19.15
C VAL A 343 -1.65 9.39 -20.65
N PHE A 344 -2.62 8.61 -21.12
CA PHE A 344 -2.94 8.58 -22.54
C PHE A 344 -3.72 9.85 -22.89
N LEU A 345 -4.79 10.11 -22.16
CA LEU A 345 -5.60 11.30 -22.42
C LEU A 345 -4.77 12.58 -22.38
N SER A 346 -3.91 12.73 -21.38
CA SER A 346 -3.07 13.92 -21.28
C SER A 346 -2.11 13.98 -22.46
N LYS A 347 -1.63 12.81 -22.88
CA LYS A 347 -0.68 12.74 -23.99
C LYS A 347 -1.26 13.17 -25.35
N VAL A 348 -2.53 12.87 -25.59
CA VAL A 348 -3.13 13.23 -26.87
C VAL A 348 -3.88 14.58 -26.84
N LEU A 349 -4.50 14.92 -25.71
CA LEU A 349 -5.23 16.18 -25.63
C LEU A 349 -4.33 17.40 -25.74
N GLU A 350 -3.07 17.26 -25.33
CA GLU A 350 -2.13 18.38 -25.42
C GLU A 350 -1.90 18.83 -26.87
N PRO A 351 -1.33 17.97 -27.73
CA PRO A 351 -1.08 18.38 -29.12
C PRO A 351 -2.35 18.42 -29.98
N THR A 352 -3.50 18.27 -29.34
CA THR A 352 -4.77 18.32 -30.04
C THR A 352 -5.37 19.70 -29.88
N LEU A 353 -5.16 20.30 -28.71
CA LEU A 353 -5.68 21.63 -28.44
C LEU A 353 -4.68 22.67 -28.92
N LYS A 354 -3.46 22.24 -29.22
CA LYS A 354 -2.44 23.14 -29.71
C LYS A 354 -2.76 23.38 -31.17
N SER A 355 -3.43 22.41 -31.79
CA SER A 355 -3.82 22.50 -33.18
C SER A 355 -5.11 23.32 -33.30
N LEU A 356 -6.10 23.00 -32.48
CA LEU A 356 -7.35 23.73 -32.51
C LEU A 356 -7.12 25.22 -32.26
N GLY A 357 -6.20 25.51 -31.34
CA GLY A 357 -5.90 26.89 -31.01
C GLY A 357 -5.17 27.65 -32.11
N GLU A 358 -4.12 27.04 -32.65
CA GLU A 358 -3.34 27.68 -33.72
C GLU A 358 -4.18 27.82 -34.98
N CYS A 359 -5.44 27.40 -34.90
CA CYS A 359 -6.37 27.49 -36.02
C CYS A 359 -7.02 28.87 -35.99
N CYS A 360 -7.16 29.41 -34.77
CA CYS A 360 -7.77 30.73 -34.58
C CYS A 360 -6.80 31.70 -33.92
N SER A 365 -9.73 32.13 -40.98
CA SER A 365 -9.88 31.79 -39.53
C SER A 365 -10.83 30.60 -39.33
N THR A 366 -12.09 30.77 -39.73
CA THR A 366 -13.09 29.72 -39.59
C THR A 366 -12.80 28.58 -40.56
N THR A 367 -12.25 28.91 -41.72
CA THR A 367 -11.94 27.92 -42.74
C THR A 367 -11.02 26.86 -42.16
N CYS A 368 -10.17 27.29 -41.23
CA CYS A 368 -9.22 26.41 -40.57
C CYS A 368 -9.90 25.22 -39.90
N PHE A 369 -10.78 25.52 -38.93
CA PHE A 369 -11.50 24.48 -38.20
C PHE A 369 -12.27 23.52 -39.10
N ASN A 370 -12.28 23.81 -40.40
CA ASN A 370 -13.00 22.98 -41.36
C ASN A 370 -12.06 22.00 -42.09
N ALA A 371 -10.77 22.30 -42.08
CA ALA A 371 -9.79 21.46 -42.73
C ALA A 371 -9.01 20.65 -41.70
N LYS A 372 -8.96 21.16 -40.47
CA LYS A 372 -8.26 20.49 -39.38
C LYS A 372 -9.22 19.65 -38.54
N GLY A 373 -10.39 20.22 -38.25
CA GLY A 373 -11.39 19.52 -37.46
C GLY A 373 -11.39 18.02 -37.74
N PRO A 374 -11.74 17.61 -38.96
CA PRO A 374 -11.77 16.20 -39.34
C PRO A 374 -10.42 15.51 -39.14
N LEU A 375 -9.33 16.26 -39.35
CA LEU A 375 -7.99 15.71 -39.17
C LEU A 375 -7.70 15.38 -37.71
N LEU A 376 -8.02 16.31 -36.83
CA LEU A 376 -7.78 16.10 -35.40
C LEU A 376 -8.74 15.07 -34.84
N LYS A 377 -9.99 15.11 -35.29
CA LYS A 377 -10.98 14.15 -34.80
C LYS A 377 -10.59 12.71 -35.08
N LYS A 378 -10.05 12.44 -36.26
CA LYS A 378 -9.67 11.09 -36.62
C LYS A 378 -8.46 10.59 -35.84
N GLU A 379 -7.39 11.38 -35.80
CA GLU A 379 -6.18 10.98 -35.08
C GLU A 379 -6.46 10.71 -33.60
N LEU A 380 -7.32 11.54 -33.00
CA LEU A 380 -7.68 11.40 -31.61
C LEU A 380 -8.48 10.11 -31.43
N SER A 381 -9.39 9.86 -32.37
CA SER A 381 -10.21 8.66 -32.32
C SER A 381 -9.30 7.44 -32.49
N SER A 382 -8.32 7.56 -33.38
CA SER A 382 -7.36 6.50 -33.64
C SER A 382 -6.46 6.29 -32.42
N PHE A 383 -6.07 7.39 -31.78
CA PHE A 383 -5.21 7.29 -30.60
C PHE A 383 -5.96 6.54 -29.50
N ILE A 384 -7.15 7.03 -29.16
CA ILE A 384 -7.95 6.40 -28.13
C ILE A 384 -8.13 4.91 -28.36
N ASP A 385 -8.38 4.51 -29.61
CA ASP A 385 -8.55 3.08 -29.90
C ASP A 385 -7.26 2.31 -29.69
N LYS A 386 -6.12 2.93 -29.99
CA LYS A 386 -4.83 2.27 -29.82
C LYS A 386 -4.53 1.99 -28.34
N GLY A 387 -4.84 2.98 -27.50
CA GLY A 387 -4.59 2.82 -26.08
C GLY A 387 -5.48 1.75 -25.48
N GLN A 388 -6.75 1.75 -25.87
CA GLN A 388 -7.69 0.78 -25.36
C GLN A 388 -7.23 -0.64 -25.65
N GLU A 389 -6.49 -0.81 -26.73
CA GLU A 389 -5.96 -2.12 -27.09
C GLU A 389 -4.70 -2.44 -26.31
N LEU A 390 -3.87 -1.44 -26.05
CA LEU A 390 -2.65 -1.65 -25.29
C LEU A 390 -3.01 -1.91 -23.83
N CYS A 391 -4.11 -1.30 -23.38
CA CYS A 391 -4.56 -1.48 -22.00
C CYS A 391 -5.74 -2.45 -21.85
N ALA A 392 -6.14 -3.10 -22.93
CA ALA A 392 -7.28 -4.02 -22.85
C ALA A 392 -7.16 -5.11 -21.79
N ASP A 393 -8.21 -5.26 -20.99
CA ASP A 393 -8.27 -6.29 -19.96
C ASP A 393 -7.48 -5.97 -18.68
N TYR A 394 -6.55 -5.04 -18.77
CA TYR A 394 -5.73 -4.72 -17.60
C TYR A 394 -6.50 -4.32 -16.35
N SER A 395 -7.43 -3.37 -16.49
CA SER A 395 -8.20 -2.87 -15.36
C SER A 395 -9.30 -3.78 -14.84
N GLU A 396 -9.76 -4.70 -15.67
CA GLU A 396 -10.86 -5.57 -15.27
C GLU A 396 -10.51 -6.91 -14.66
N ASN A 397 -9.22 -7.24 -14.63
CA ASN A 397 -8.77 -8.51 -14.09
C ASN A 397 -7.58 -8.40 -13.16
N THR A 398 -7.37 -9.45 -12.38
CA THR A 398 -6.22 -9.51 -11.49
C THR A 398 -5.09 -9.63 -12.51
N PHE A 399 -3.86 -9.28 -12.13
CA PHE A 399 -2.77 -9.34 -13.10
C PHE A 399 -2.56 -10.73 -13.72
N THR A 400 -2.50 -11.78 -12.90
CA THR A 400 -2.29 -13.12 -13.45
C THR A 400 -3.42 -13.53 -14.40
N GLU A 401 -4.63 -13.06 -14.14
CA GLU A 401 -5.75 -13.39 -15.02
C GLU A 401 -5.65 -12.55 -16.30
N TYR A 402 -5.14 -11.33 -16.16
CA TYR A 402 -4.97 -10.45 -17.31
C TYR A 402 -3.96 -11.04 -18.27
N LYS A 403 -2.86 -11.57 -17.73
CA LYS A 403 -1.83 -12.17 -18.57
C LYS A 403 -2.36 -13.35 -19.37
N LYS A 404 -3.24 -14.14 -18.77
CA LYS A 404 -3.80 -15.29 -19.47
C LYS A 404 -4.61 -14.80 -20.67
N LYS A 405 -5.63 -14.01 -20.40
CA LYS A 405 -6.47 -13.46 -21.45
C LYS A 405 -5.62 -12.78 -22.53
N LEU A 406 -4.58 -12.05 -22.11
CA LEU A 406 -3.70 -11.36 -23.06
C LEU A 406 -3.06 -12.38 -24.01
N ALA A 407 -2.57 -13.48 -23.44
CA ALA A 407 -1.95 -14.53 -24.25
C ALA A 407 -3.00 -15.08 -25.20
N GLU A 408 -4.23 -15.20 -24.70
CA GLU A 408 -5.34 -15.70 -25.51
C GLU A 408 -5.59 -14.70 -26.64
N ARG A 409 -5.42 -13.42 -26.35
CA ARG A 409 -5.61 -12.37 -27.34
C ARG A 409 -4.51 -12.45 -28.40
N LEU A 410 -3.26 -12.31 -27.98
CA LEU A 410 -2.12 -12.35 -28.90
C LEU A 410 -2.00 -13.66 -29.69
N LYS A 411 -2.43 -14.78 -29.10
CA LYS A 411 -2.36 -16.07 -29.79
C LYS A 411 -3.22 -16.00 -31.04
N ALA A 412 -4.51 -15.74 -30.86
CA ALA A 412 -5.46 -15.63 -31.96
C ALA A 412 -5.27 -14.29 -32.67
N LYS A 413 -4.10 -14.10 -33.26
CA LYS A 413 -3.74 -12.88 -33.98
C LYS A 413 -2.30 -13.04 -34.44
N LEU A 414 -1.67 -14.13 -34.00
CA LEU A 414 -0.30 -14.45 -34.35
C LEU A 414 -0.12 -15.96 -34.41
N PRO A 415 -0.96 -16.65 -35.22
CA PRO A 415 -0.90 -18.11 -35.36
C PRO A 415 0.49 -18.70 -35.64
N GLU A 416 1.35 -17.98 -36.33
CA GLU A 416 2.68 -18.51 -36.62
C GLU A 416 3.69 -18.28 -35.48
N ALA A 417 3.27 -17.54 -34.47
CA ALA A 417 4.16 -17.25 -33.34
C ALA A 417 4.44 -18.51 -32.54
N THR A 418 5.71 -18.75 -32.23
CA THR A 418 6.10 -19.91 -31.44
C THR A 418 5.79 -19.64 -29.98
N PRO A 419 5.39 -20.68 -29.24
CA PRO A 419 5.07 -20.53 -27.82
C PRO A 419 6.04 -19.59 -27.11
N THR A 420 7.32 -19.70 -27.47
CA THR A 420 8.37 -18.89 -26.88
C THR A 420 8.18 -17.42 -27.24
N GLU A 421 8.04 -17.14 -28.53
CA GLU A 421 7.85 -15.77 -29.03
C GLU A 421 6.60 -15.19 -28.39
N LEU A 422 5.51 -15.94 -28.44
CA LEU A 422 4.23 -15.56 -27.89
C LEU A 422 4.40 -15.07 -26.45
N ALA A 423 5.13 -15.84 -25.64
CA ALA A 423 5.37 -15.48 -24.25
C ALA A 423 6.23 -14.24 -24.12
N LYS A 424 7.02 -13.95 -25.15
CA LYS A 424 7.89 -12.77 -25.11
C LYS A 424 7.05 -11.51 -25.32
N LEU A 425 6.06 -11.60 -26.21
CA LEU A 425 5.19 -10.47 -26.47
C LEU A 425 4.27 -10.25 -25.28
N VAL A 426 3.84 -11.35 -24.68
CA VAL A 426 2.96 -11.31 -23.53
C VAL A 426 3.65 -10.55 -22.40
N ASN A 427 4.88 -10.94 -22.13
CA ASN A 427 5.67 -10.32 -21.07
C ASN A 427 5.90 -8.84 -21.30
N LYS A 428 6.23 -8.50 -22.54
CA LYS A 428 6.50 -7.11 -22.89
C LYS A 428 5.23 -6.26 -22.75
N ARG A 429 4.14 -6.73 -23.34
CA ARG A 429 2.87 -5.99 -23.25
C ARG A 429 2.39 -5.84 -21.81
N SER A 430 2.31 -6.94 -21.07
CA SER A 430 1.85 -6.88 -19.68
C SER A 430 2.79 -6.02 -18.85
N ASP A 431 4.06 -6.01 -19.20
CA ASP A 431 5.02 -5.18 -18.48
C ASP A 431 4.60 -3.71 -18.66
N PHE A 432 4.30 -3.36 -19.91
CA PHE A 432 3.86 -2.00 -20.25
C PHE A 432 2.57 -1.62 -19.50
N ALA A 433 1.62 -2.53 -19.49
CA ALA A 433 0.35 -2.29 -18.85
C ALA A 433 0.49 -2.10 -17.34
N SER A 434 1.34 -2.89 -16.69
CA SER A 434 1.53 -2.76 -15.25
C SER A 434 2.12 -1.40 -14.88
N ASN A 435 2.72 -0.74 -15.87
CA ASN A 435 3.34 0.56 -15.66
C ASN A 435 2.54 1.74 -16.21
N CYS A 436 1.78 1.54 -17.28
CA CYS A 436 1.08 2.67 -17.89
C CYS A 436 -0.42 2.56 -18.12
N CYS A 437 -1.12 1.67 -17.43
CA CYS A 437 -2.56 1.56 -17.63
C CYS A 437 -3.41 1.83 -16.39
N SER A 438 -2.83 2.47 -15.38
CA SER A 438 -3.58 2.78 -14.18
C SER A 438 -3.62 4.30 -14.02
N ILE A 439 -4.44 4.77 -13.08
CA ILE A 439 -4.62 6.19 -12.89
C ILE A 439 -3.40 7.06 -12.56
N ASN A 440 -2.43 6.52 -11.83
CA ASN A 440 -1.26 7.31 -11.48
C ASN A 440 0.04 6.88 -12.16
N SER A 441 -0.08 6.30 -13.36
CA SER A 441 1.10 5.87 -14.09
C SER A 441 2.08 7.05 -14.22
N PRO A 442 3.38 6.76 -14.27
CA PRO A 442 4.43 7.80 -14.40
C PRO A 442 4.47 8.47 -15.77
N PRO A 443 4.18 9.78 -15.80
CA PRO A 443 4.15 10.62 -17.01
C PRO A 443 5.39 10.61 -17.89
N LEU A 444 6.55 10.93 -17.33
CA LEU A 444 7.77 10.94 -18.12
C LEU A 444 8.04 9.60 -18.78
N TYR A 445 8.03 8.53 -17.99
CA TYR A 445 8.29 7.17 -18.48
C TYR A 445 7.25 6.74 -19.50
N CYS A 446 5.97 6.82 -19.11
CA CYS A 446 4.91 6.39 -20.00
C CYS A 446 4.79 7.17 -21.30
N ASP A 447 5.21 8.44 -21.30
CA ASP A 447 5.12 9.23 -22.52
C ASP A 447 6.08 8.65 -23.56
N SER A 448 7.22 8.17 -23.10
CA SER A 448 8.21 7.60 -24.00
C SER A 448 7.86 6.16 -24.40
N GLU A 449 7.33 5.38 -23.46
CA GLU A 449 6.93 4.00 -23.77
C GLU A 449 5.67 3.97 -24.64
N ILE A 450 4.76 4.92 -24.43
CA ILE A 450 3.55 4.95 -25.25
C ILE A 450 3.94 5.13 -26.72
N ASP A 451 4.87 6.04 -27.00
CA ASP A 451 5.32 6.27 -28.37
C ASP A 451 5.82 4.97 -28.96
N ALA A 452 6.76 4.35 -28.26
CA ALA A 452 7.36 3.09 -28.69
C ALA A 452 6.31 2.00 -28.86
N GLU A 453 5.44 1.84 -27.87
CA GLU A 453 4.39 0.80 -27.94
C GLU A 453 3.46 0.98 -29.12
N LEU A 454 3.10 2.23 -29.42
CA LEU A 454 2.21 2.49 -30.55
C LEU A 454 2.83 2.06 -31.87
N LYS A 455 4.14 2.27 -32.03
CA LYS A 455 4.82 1.89 -33.26
C LYS A 455 4.81 0.39 -33.48
N ASN A 456 4.95 -0.37 -32.40
CA ASN A 456 4.97 -1.83 -32.45
C ASN A 456 3.56 -2.38 -32.40
N ILE A 457 2.60 -1.50 -32.11
CA ILE A 457 1.18 -1.84 -31.98
C ILE A 457 0.71 -3.12 -32.67
N LEU A 458 1.28 -3.43 -33.83
CA LEU A 458 0.91 -4.63 -34.60
C LEU A 458 -0.37 -4.43 -35.41
N THR B 5 -5.82 1.30 28.74
CA THR B 5 -5.17 0.01 28.39
C THR B 5 -6.01 -1.19 28.85
N THR B 6 -6.75 -1.01 29.94
CA THR B 6 -7.60 -2.07 30.49
C THR B 6 -8.81 -2.36 29.62
N ALA B 7 -8.58 -2.31 28.32
CA ALA B 7 -9.64 -2.56 27.34
C ALA B 7 -9.64 -4.04 27.00
N LEU B 8 -10.72 -4.51 26.39
CA LEU B 8 -10.79 -5.90 26.00
C LEU B 8 -10.47 -5.98 24.51
N VAL B 9 -9.93 -7.12 24.09
CA VAL B 9 -9.60 -7.34 22.69
C VAL B 9 -10.19 -8.68 22.32
N CYS B 10 -11.12 -8.67 21.39
CA CYS B 10 -11.76 -9.89 20.96
C CYS B 10 -11.63 -10.05 19.45
N ASP B 11 -10.93 -11.10 19.04
CA ASP B 11 -10.74 -11.40 17.63
C ASP B 11 -11.76 -12.49 17.26
N ASN B 12 -12.83 -12.07 16.59
CA ASN B 12 -13.93 -12.95 16.18
C ASN B 12 -13.57 -13.78 14.94
N GLY B 13 -13.01 -14.97 15.15
CA GLY B 13 -12.62 -15.81 14.03
C GLY B 13 -13.62 -16.85 13.56
N SER B 14 -13.49 -17.22 12.29
CA SER B 14 -14.36 -18.22 11.67
C SER B 14 -14.38 -19.51 12.45
N GLY B 15 -13.22 -19.95 12.91
CA GLY B 15 -13.16 -21.18 13.67
C GLY B 15 -12.90 -20.95 15.14
N LEU B 16 -12.10 -19.93 15.44
CA LEU B 16 -11.75 -19.65 16.82
C LEU B 16 -11.86 -18.19 17.22
N VAL B 17 -12.32 -17.97 18.46
CA VAL B 17 -12.42 -16.64 19.03
C VAL B 17 -11.17 -16.53 19.93
N LYS B 18 -10.47 -15.40 19.83
CA LYS B 18 -9.30 -15.14 20.65
C LYS B 18 -9.65 -13.91 21.47
N ALA B 19 -9.79 -14.07 22.78
CA ALA B 19 -10.14 -12.95 23.65
C ALA B 19 -9.15 -12.79 24.78
N GLY B 20 -8.98 -11.54 25.21
CA GLY B 20 -8.07 -11.24 26.29
C GLY B 20 -8.15 -9.78 26.67
N PHE B 21 -7.11 -9.29 27.34
CA PHE B 21 -7.06 -7.90 27.78
C PHE B 21 -5.94 -7.13 27.11
N ALA B 22 -6.25 -5.91 26.69
CA ALA B 22 -5.27 -5.06 26.04
C ALA B 22 -4.05 -4.95 26.96
N GLY B 23 -2.88 -5.27 26.43
CA GLY B 23 -1.67 -5.21 27.24
C GLY B 23 -1.00 -6.56 27.40
N ASP B 24 -1.80 -7.63 27.50
CA ASP B 24 -1.24 -8.97 27.65
C ASP B 24 -0.54 -9.32 26.35
N ASP B 25 0.32 -10.32 26.39
CA ASP B 25 1.06 -10.70 25.20
C ASP B 25 0.47 -11.90 24.47
N ALA B 26 -0.62 -12.45 25.01
CA ALA B 26 -1.30 -13.60 24.42
C ALA B 26 -2.76 -13.61 24.85
N PRO B 27 -3.65 -14.17 24.02
CA PRO B 27 -5.07 -14.23 24.36
C PRO B 27 -5.27 -15.10 25.60
N ARG B 28 -6.07 -14.64 26.54
CA ARG B 28 -6.32 -15.41 27.76
C ARG B 28 -7.36 -16.51 27.51
N ALA B 29 -8.13 -16.38 26.44
CA ALA B 29 -9.15 -17.37 26.10
C ALA B 29 -9.24 -17.62 24.59
N VAL B 30 -9.08 -18.89 24.20
CA VAL B 30 -9.15 -19.29 22.80
C VAL B 30 -10.11 -20.47 22.72
N PHE B 31 -11.32 -20.21 22.22
CA PHE B 31 -12.33 -21.25 22.10
C PHE B 31 -12.98 -21.25 20.73
N PRO B 32 -13.43 -22.43 20.26
CA PRO B 32 -14.07 -22.58 18.95
C PRO B 32 -15.35 -21.76 18.79
N SER B 33 -15.42 -20.99 17.71
CA SER B 33 -16.58 -20.16 17.43
C SER B 33 -17.80 -21.01 17.11
N ILE B 34 -18.46 -21.51 18.15
CA ILE B 34 -19.61 -22.37 17.93
C ILE B 34 -20.73 -22.19 18.94
N VAL B 35 -21.96 -22.26 18.44
CA VAL B 35 -23.15 -22.13 19.28
C VAL B 35 -24.06 -23.32 18.98
N GLY B 36 -24.28 -24.15 20.00
CA GLY B 36 -25.12 -25.32 19.84
C GLY B 36 -26.39 -25.28 20.67
N ARG B 37 -27.39 -26.02 20.23
CA ARG B 37 -28.66 -26.08 20.92
C ARG B 37 -29.18 -27.50 20.96
N PRO B 38 -29.79 -27.91 22.09
CA PRO B 38 -30.34 -29.25 22.29
C PRO B 38 -31.09 -29.78 21.07
N ARG B 39 -30.68 -30.94 20.58
CA ARG B 39 -31.29 -31.57 19.42
C ARG B 39 -32.82 -31.64 19.58
N HIS B 40 -33.26 -32.12 20.74
CA HIS B 40 -34.67 -32.24 21.04
C HIS B 40 -34.89 -32.30 22.56
N ASP B 51 -30.06 -25.59 27.24
CA ASP B 51 -30.74 -24.54 26.45
C ASP B 51 -29.86 -24.01 25.31
N SER B 52 -28.71 -23.43 25.67
CA SER B 52 -27.78 -22.89 24.68
C SER B 52 -26.35 -23.02 25.20
N TYR B 53 -25.46 -23.55 24.36
CA TYR B 53 -24.06 -23.73 24.75
C TYR B 53 -23.09 -23.11 23.75
N VAL B 54 -21.93 -22.67 24.23
CA VAL B 54 -20.94 -22.04 23.37
C VAL B 54 -19.55 -22.63 23.58
N GLY B 55 -18.70 -22.48 22.58
CA GLY B 55 -17.33 -22.97 22.67
C GLY B 55 -17.10 -24.46 22.80
N ASP B 56 -16.00 -24.81 23.45
CA ASP B 56 -15.61 -26.20 23.65
C ASP B 56 -16.78 -27.07 24.11
N GLU B 57 -17.34 -26.73 25.26
CA GLU B 57 -18.45 -27.48 25.82
C GLU B 57 -19.53 -27.84 24.79
N ALA B 58 -19.96 -26.86 24.01
CA ALA B 58 -20.98 -27.10 22.99
C ALA B 58 -20.46 -28.10 21.97
N GLN B 59 -19.14 -28.14 21.81
CA GLN B 59 -18.52 -29.05 20.86
C GLN B 59 -18.52 -30.46 21.45
N SER B 60 -18.15 -30.57 22.71
CA SER B 60 -18.09 -31.86 23.39
C SER B 60 -19.46 -32.53 23.38
N LYS B 61 -20.50 -31.78 23.74
CA LYS B 61 -21.85 -32.30 23.77
C LYS B 61 -22.50 -32.18 22.39
N ARG B 62 -21.73 -32.52 21.36
CA ARG B 62 -22.20 -32.45 19.97
C ARG B 62 -23.29 -33.46 19.66
N GLY B 63 -23.08 -34.71 20.05
CA GLY B 63 -24.03 -35.77 19.80
C GLY B 63 -25.44 -35.56 20.31
N ILE B 64 -25.69 -34.43 20.98
CA ILE B 64 -27.02 -34.13 21.52
C ILE B 64 -27.37 -32.65 21.35
N LEU B 65 -26.73 -31.99 20.39
CA LEU B 65 -26.97 -30.58 20.13
C LEU B 65 -26.91 -30.28 18.63
N THR B 66 -27.20 -29.03 18.28
CA THR B 66 -27.19 -28.58 16.89
C THR B 66 -26.16 -27.45 16.78
N LEU B 67 -24.95 -27.80 16.37
CA LEU B 67 -23.88 -26.82 16.23
C LEU B 67 -24.08 -25.85 15.07
N LYS B 68 -23.81 -24.58 15.33
CA LYS B 68 -23.97 -23.53 14.34
C LYS B 68 -22.75 -22.59 14.37
N TYR B 69 -22.26 -22.22 13.20
CA TYR B 69 -21.10 -21.33 13.09
C TYR B 69 -21.52 -19.91 12.67
N PRO B 70 -21.62 -19.00 13.64
CA PRO B 70 -22.00 -17.60 13.43
C PRO B 70 -21.14 -16.88 12.40
N ILE B 71 -19.92 -17.37 12.21
CA ILE B 71 -18.96 -16.76 11.30
C ILE B 71 -18.46 -17.83 10.33
N GLU B 72 -18.92 -17.77 9.09
CA GLU B 72 -18.53 -18.75 8.08
C GLU B 72 -17.20 -18.42 7.41
N HIC B 73 -17.12 -17.24 6.79
CA HIC B 73 -15.90 -16.85 6.10
C HIC B 73 -15.34 -15.51 6.56
O HIC B 73 -14.89 -14.70 5.76
CB HIC B 73 -16.16 -16.79 4.59
CG HIC B 73 -16.32 -18.13 3.93
ND1 HIC B 73 -15.28 -19.02 3.79
CD2 HIC B 73 -17.41 -18.73 3.39
CE1 HIC B 73 -15.71 -20.11 3.17
NE2 HIC B 73 -17.00 -19.96 2.92
CZ HIC B 73 -17.87 -20.96 2.24
N GLY B 74 -15.39 -15.29 7.87
CA GLY B 74 -14.86 -14.07 8.42
C GLY B 74 -15.93 -13.05 8.73
N ILE B 75 -17.10 -13.24 8.13
CA ILE B 75 -18.21 -12.31 8.31
C ILE B 75 -19.29 -12.89 9.21
N ILE B 76 -19.68 -12.13 10.22
CA ILE B 76 -20.74 -12.55 11.15
C ILE B 76 -22.04 -12.64 10.36
N THR B 77 -22.60 -13.85 10.26
CA THR B 77 -23.84 -14.06 9.49
C THR B 77 -25.12 -14.16 10.34
N ASN B 78 -24.99 -14.73 11.54
CA ASN B 78 -26.13 -14.90 12.44
C ASN B 78 -25.89 -14.12 13.74
N TRP B 79 -26.66 -13.07 13.95
CA TRP B 79 -26.51 -12.24 15.13
C TRP B 79 -26.92 -12.82 16.47
N ASP B 80 -28.03 -13.55 16.51
CA ASP B 80 -28.46 -14.11 17.78
C ASP B 80 -27.36 -15.00 18.35
N ASP B 81 -26.76 -15.83 17.50
CA ASP B 81 -25.68 -16.72 17.95
C ASP B 81 -24.43 -15.93 18.32
N MET B 82 -24.13 -14.89 17.54
CA MET B 82 -22.96 -14.08 17.81
C MET B 82 -23.05 -13.45 19.21
N GLU B 83 -24.24 -12.97 19.57
CA GLU B 83 -24.48 -12.38 20.88
C GLU B 83 -24.13 -13.39 21.97
N LYS B 84 -24.49 -14.65 21.73
CA LYS B 84 -24.22 -15.70 22.69
C LYS B 84 -22.71 -15.89 22.85
N ILE B 85 -21.99 -15.77 21.75
CA ILE B 85 -20.54 -15.91 21.77
C ILE B 85 -19.95 -14.75 22.56
N TRP B 86 -20.43 -13.55 22.30
CA TRP B 86 -19.93 -12.38 23.00
C TRP B 86 -20.27 -12.44 24.49
N HIS B 87 -21.50 -12.82 24.82
CA HIS B 87 -21.90 -12.93 26.22
C HIS B 87 -20.99 -13.96 26.90
N HIS B 88 -20.77 -15.07 26.23
CA HIS B 88 -19.93 -16.14 26.75
C HIS B 88 -18.48 -15.67 26.86
N THR B 89 -18.06 -14.82 25.92
CA THR B 89 -16.70 -14.30 25.94
C THR B 89 -16.49 -13.46 27.19
N PHE B 90 -17.40 -12.52 27.43
CA PHE B 90 -17.33 -11.63 28.58
C PHE B 90 -17.46 -12.29 29.96
N TYR B 91 -18.60 -12.94 30.19
CA TYR B 91 -18.93 -13.55 31.48
C TYR B 91 -18.35 -14.91 31.86
N ASN B 92 -18.22 -15.83 30.91
CA ASN B 92 -17.68 -17.14 31.24
C ASN B 92 -16.17 -17.28 31.05
N GLU B 93 -15.64 -16.76 29.96
CA GLU B 93 -14.22 -16.85 29.65
C GLU B 93 -13.36 -15.79 30.34
N LEU B 94 -13.74 -14.52 30.20
CA LEU B 94 -12.97 -13.44 30.80
C LEU B 94 -13.43 -13.09 32.21
N ARG B 95 -14.72 -13.32 32.48
CA ARG B 95 -15.29 -13.02 33.77
C ARG B 95 -15.20 -11.53 34.11
N VAL B 96 -15.83 -10.71 33.29
CA VAL B 96 -15.81 -9.26 33.50
C VAL B 96 -17.10 -8.61 33.06
N ALA B 97 -17.30 -7.36 33.47
CA ALA B 97 -18.48 -6.60 33.10
C ALA B 97 -18.17 -5.75 31.88
N PRO B 98 -18.77 -6.09 30.72
CA PRO B 98 -18.53 -5.37 29.47
C PRO B 98 -18.81 -3.86 29.57
N GLU B 99 -19.66 -3.47 30.51
CA GLU B 99 -19.99 -2.06 30.68
C GLU B 99 -18.88 -1.31 31.41
N GLU B 100 -17.85 -2.04 31.81
CA GLU B 100 -16.72 -1.45 32.53
C GLU B 100 -15.41 -1.51 31.76
N HIS B 101 -15.45 -1.97 30.52
CA HIS B 101 -14.23 -2.08 29.72
C HIS B 101 -14.36 -1.63 28.25
N PRO B 102 -13.47 -0.73 27.81
CA PRO B 102 -13.59 -0.34 26.40
C PRO B 102 -13.34 -1.64 25.65
N THR B 103 -14.10 -1.92 24.59
CA THR B 103 -13.90 -3.16 23.86
C THR B 103 -13.50 -3.00 22.40
N LEU B 104 -12.39 -3.65 22.04
CA LEU B 104 -11.91 -3.61 20.66
C LEU B 104 -12.24 -4.93 19.99
N LEU B 105 -12.96 -4.85 18.87
CA LEU B 105 -13.34 -6.05 18.12
C LEU B 105 -12.69 -6.04 16.74
N THR B 106 -12.48 -7.21 16.17
CA THR B 106 -11.86 -7.29 14.85
C THR B 106 -12.90 -7.70 13.81
N GLU B 107 -12.58 -7.47 12.54
CA GLU B 107 -13.49 -7.83 11.44
C GLU B 107 -12.67 -8.23 10.23
N ALA B 108 -13.33 -8.92 9.30
CA ALA B 108 -12.69 -9.35 8.07
C ALA B 108 -12.35 -8.13 7.22
N PRO B 109 -11.35 -8.26 6.33
CA PRO B 109 -10.88 -7.20 5.45
C PRO B 109 -11.92 -6.35 4.70
N LEU B 110 -12.96 -6.98 4.16
CA LEU B 110 -13.97 -6.22 3.41
C LEU B 110 -15.35 -6.33 4.06
N ASN B 111 -15.39 -6.28 5.37
CA ASN B 111 -16.64 -6.39 6.10
C ASN B 111 -17.56 -5.24 5.69
N PRO B 112 -18.82 -5.56 5.34
CA PRO B 112 -19.79 -4.55 4.92
C PRO B 112 -20.07 -3.51 6.01
N LYS B 113 -20.20 -2.25 5.60
CA LYS B 113 -20.46 -1.17 6.55
C LYS B 113 -21.62 -1.49 7.48
N ALA B 114 -22.72 -1.99 6.92
CA ALA B 114 -23.91 -2.33 7.73
C ALA B 114 -23.57 -3.35 8.80
N ASN B 115 -22.67 -4.27 8.48
CA ASN B 115 -22.27 -5.31 9.41
C ASN B 115 -21.53 -4.70 10.60
N ARG B 116 -20.63 -3.77 10.31
CA ARG B 116 -19.87 -3.11 11.35
C ARG B 116 -20.83 -2.34 12.27
N GLU B 117 -21.74 -1.57 11.68
CA GLU B 117 -22.70 -0.79 12.45
C GLU B 117 -23.55 -1.66 13.39
N LYS B 118 -23.89 -2.85 12.94
CA LYS B 118 -24.68 -3.78 13.74
C LYS B 118 -23.83 -4.30 14.92
N MET B 119 -22.53 -4.43 14.70
CA MET B 119 -21.63 -4.88 15.77
C MET B 119 -21.60 -3.78 16.82
N THR B 120 -21.43 -2.55 16.35
CA THR B 120 -21.38 -1.38 17.20
C THR B 120 -22.64 -1.21 18.03
N GLN B 121 -23.79 -1.43 17.38
CA GLN B 121 -25.09 -1.32 18.05
C GLN B 121 -25.23 -2.34 19.18
N ILE B 122 -24.95 -3.60 18.85
CA ILE B 122 -25.06 -4.66 19.84
C ILE B 122 -24.15 -4.35 21.04
N MET B 123 -22.92 -3.94 20.76
CA MET B 123 -21.96 -3.63 21.81
C MET B 123 -22.46 -2.58 22.80
N PHE B 124 -22.95 -1.47 22.27
CA PHE B 124 -23.44 -0.40 23.12
C PHE B 124 -24.80 -0.69 23.76
N GLU B 125 -25.79 -0.96 22.92
CA GLU B 125 -27.14 -1.22 23.40
C GLU B 125 -27.37 -2.52 24.19
N THR B 126 -26.83 -3.63 23.71
CA THR B 126 -27.03 -4.90 24.41
C THR B 126 -26.02 -5.18 25.51
N PHE B 127 -24.78 -4.73 25.34
CA PHE B 127 -23.75 -4.97 26.33
C PHE B 127 -23.32 -3.74 27.11
N ASN B 128 -23.80 -2.57 26.70
CA ASN B 128 -23.49 -1.31 27.37
C ASN B 128 -22.01 -1.02 27.59
N VAL B 129 -21.18 -1.37 26.63
CA VAL B 129 -19.75 -1.09 26.78
C VAL B 129 -19.63 0.44 26.82
N PRO B 130 -18.69 0.96 27.62
CA PRO B 130 -18.53 2.41 27.70
C PRO B 130 -17.94 2.97 26.40
N ALA B 131 -17.28 2.11 25.65
CA ALA B 131 -16.67 2.50 24.39
C ALA B 131 -16.21 1.27 23.62
N MET B 132 -15.97 1.44 22.32
CA MET B 132 -15.54 0.30 21.52
C MET B 132 -14.87 0.76 20.25
N TYR B 133 -14.31 -0.19 19.51
CA TYR B 133 -13.61 0.10 18.26
C TYR B 133 -13.60 -1.17 17.42
N VAL B 134 -13.61 -1.01 16.10
CA VAL B 134 -13.57 -2.16 15.21
C VAL B 134 -12.36 -2.00 14.29
N ALA B 135 -11.43 -2.94 14.37
CA ALA B 135 -10.24 -2.88 13.54
C ALA B 135 -10.17 -4.01 12.53
N ILE B 136 -9.57 -3.72 11.38
CA ILE B 136 -9.42 -4.72 10.34
C ILE B 136 -8.33 -5.70 10.80
N GLN B 137 -8.69 -6.96 10.89
CA GLN B 137 -7.76 -7.99 11.34
C GLN B 137 -6.37 -7.90 10.71
N ALA B 138 -6.31 -7.90 9.38
CA ALA B 138 -5.03 -7.84 8.69
C ALA B 138 -4.18 -6.64 9.09
N VAL B 139 -4.82 -5.49 9.28
CA VAL B 139 -4.06 -4.31 9.64
C VAL B 139 -3.41 -4.49 11.00
N LEU B 140 -4.06 -5.23 11.90
CA LEU B 140 -3.52 -5.49 13.24
C LEU B 140 -2.32 -6.42 13.15
N SER B 141 -2.37 -7.37 12.22
CA SER B 141 -1.25 -8.29 12.07
C SER B 141 -0.01 -7.50 11.70
N LEU B 142 -0.19 -6.48 10.86
CA LEU B 142 0.93 -5.64 10.43
C LEU B 142 1.41 -4.82 11.62
N TYR B 143 0.46 -4.28 12.38
CA TYR B 143 0.79 -3.50 13.55
C TYR B 143 1.62 -4.30 14.55
N ALA B 144 1.29 -5.59 14.68
CA ALA B 144 1.99 -6.47 15.61
C ALA B 144 3.49 -6.55 15.35
N SER B 145 3.89 -6.34 14.10
CA SER B 145 5.30 -6.41 13.77
C SER B 145 5.94 -5.01 13.85
N GLY B 146 5.18 -4.06 14.37
CA GLY B 146 5.67 -2.70 14.53
C GLY B 146 5.90 -1.99 13.21
N ARG B 147 4.98 -2.17 12.28
CA ARG B 147 5.09 -1.54 10.98
C ARG B 147 3.69 -1.07 10.57
N THR B 148 3.61 -0.02 9.76
CA THR B 148 2.31 0.49 9.31
C THR B 148 2.13 0.34 7.80
N THR B 149 3.17 -0.13 7.10
CA THR B 149 3.09 -0.34 5.66
C THR B 149 3.61 -1.72 5.27
N GLY B 150 2.83 -2.42 4.44
CA GLY B 150 3.23 -3.74 4.00
C GLY B 150 2.02 -4.48 3.49
N ILE B 151 2.21 -5.73 3.06
CA ILE B 151 1.09 -6.52 2.58
C ILE B 151 0.96 -7.74 3.46
N VAL B 152 -0.25 -7.95 3.95
CA VAL B 152 -0.53 -9.06 4.84
C VAL B 152 -1.21 -10.23 4.15
N LEU B 153 -0.75 -11.44 4.46
CA LEU B 153 -1.37 -12.66 3.96
C LEU B 153 -1.95 -13.23 5.25
N ASP B 154 -3.26 -13.20 5.37
CA ASP B 154 -3.96 -13.69 6.55
C ASP B 154 -4.75 -14.96 6.19
N SER B 155 -4.34 -16.10 6.73
CA SER B 155 -5.01 -17.37 6.44
C SER B 155 -5.43 -18.06 7.75
N GLY B 156 -6.74 -18.15 7.96
CA GLY B 156 -7.25 -18.74 9.18
C GLY B 156 -7.99 -20.06 9.02
N ASP B 157 -9.20 -20.11 9.53
CA ASP B 157 -9.98 -21.34 9.45
C ASP B 157 -10.83 -21.45 8.20
N GLY B 158 -11.58 -20.39 7.87
CA GLY B 158 -12.44 -20.42 6.71
C GLY B 158 -12.12 -19.51 5.53
N VAL B 159 -11.26 -18.51 5.71
CA VAL B 159 -10.94 -17.62 4.61
C VAL B 159 -9.51 -17.10 4.64
N THR B 160 -8.96 -16.86 3.45
CA THR B 160 -7.61 -16.34 3.31
C THR B 160 -7.68 -14.99 2.57
N HIS B 161 -7.01 -13.98 3.09
CA HIS B 161 -7.00 -12.65 2.47
C HIS B 161 -5.59 -12.11 2.31
N ASN B 162 -5.44 -11.22 1.33
CA ASN B 162 -4.19 -10.53 1.11
C ASN B 162 -4.62 -9.08 1.24
N VAL B 163 -4.02 -8.36 2.18
CA VAL B 163 -4.40 -6.96 2.38
C VAL B 163 -3.21 -6.01 2.31
N PRO B 164 -3.14 -5.18 1.25
CA PRO B 164 -2.04 -4.23 1.09
C PRO B 164 -2.34 -3.03 2.00
N ILE B 165 -1.33 -2.59 2.75
CA ILE B 165 -1.51 -1.48 3.66
C ILE B 165 -0.44 -0.40 3.51
N TYR B 166 -0.88 0.85 3.44
CA TYR B 166 0.06 1.96 3.32
C TYR B 166 -0.18 2.94 4.47
N GLU B 167 0.79 3.04 5.37
CA GLU B 167 0.68 3.93 6.52
C GLU B 167 -0.68 3.77 7.20
N GLY B 168 -1.09 2.53 7.43
CA GLY B 168 -2.36 2.29 8.11
C GLY B 168 -3.60 2.22 7.22
N TYR B 169 -3.45 2.56 5.94
CA TYR B 169 -4.59 2.52 5.03
C TYR B 169 -4.63 1.27 4.15
N ALA B 170 -5.65 0.44 4.37
CA ALA B 170 -5.87 -0.79 3.60
C ALA B 170 -6.47 -0.40 2.23
N LEU B 171 -5.83 -0.79 1.13
CA LEU B 171 -6.35 -0.47 -0.20
C LEU B 171 -7.48 -1.45 -0.54
N PRO B 172 -8.74 -1.02 -0.35
CA PRO B 172 -9.89 -1.91 -0.63
C PRO B 172 -9.88 -2.56 -2.00
N HIS B 173 -9.51 -1.80 -3.02
CA HIS B 173 -9.50 -2.32 -4.37
C HIS B 173 -8.35 -3.27 -4.69
N ALA B 174 -7.43 -3.48 -3.74
CA ALA B 174 -6.29 -4.38 -3.97
C ALA B 174 -6.34 -5.62 -3.09
N ILE B 175 -7.33 -5.67 -2.21
CA ILE B 175 -7.50 -6.82 -1.33
C ILE B 175 -7.90 -8.04 -2.17
N MET B 176 -7.23 -9.17 -1.96
CA MET B 176 -7.52 -10.40 -2.68
C MET B 176 -8.03 -11.42 -1.68
N ARG B 177 -8.88 -12.32 -2.16
CA ARG B 177 -9.45 -13.34 -1.29
C ARG B 177 -9.34 -14.72 -1.91
N LEU B 178 -9.42 -15.72 -1.06
CA LEU B 178 -9.37 -17.12 -1.48
C LEU B 178 -10.22 -17.86 -0.47
N ASP B 179 -11.35 -18.40 -0.91
CA ASP B 179 -12.25 -19.15 -0.02
C ASP B 179 -11.71 -20.54 0.21
N LEU B 180 -10.58 -20.59 0.89
CA LEU B 180 -9.87 -21.82 1.19
C LEU B 180 -8.90 -21.53 2.35
N ALA B 181 -9.01 -22.32 3.40
CA ALA B 181 -8.13 -22.14 4.56
C ALA B 181 -8.01 -23.45 5.33
N GLY B 182 -7.84 -23.29 6.66
CA GLY B 182 -7.67 -24.39 7.57
C GLY B 182 -8.61 -25.58 7.56
N ARG B 183 -9.92 -25.35 7.56
CA ARG B 183 -10.88 -26.45 7.56
C ARG B 183 -10.77 -27.25 6.26
N ASP B 184 -10.62 -26.53 5.14
CA ASP B 184 -10.50 -27.19 3.84
C ASP B 184 -9.24 -28.07 3.80
N LEU B 185 -8.16 -27.58 4.39
CA LEU B 185 -6.90 -28.32 4.43
C LEU B 185 -7.05 -29.57 5.30
N THR B 186 -7.77 -29.43 6.42
CA THR B 186 -8.02 -30.54 7.31
C THR B 186 -8.90 -31.57 6.58
N ASP B 187 -9.99 -31.10 5.97
CA ASP B 187 -10.89 -31.96 5.21
C ASP B 187 -10.10 -32.69 4.13
N TYR B 188 -9.21 -31.96 3.46
CA TYR B 188 -8.42 -32.52 2.38
C TYR B 188 -7.39 -33.53 2.84
N LEU B 189 -6.83 -33.31 4.03
CA LEU B 189 -5.85 -34.25 4.56
C LEU B 189 -6.61 -35.54 4.92
N MET B 190 -7.84 -35.39 5.40
CA MET B 190 -8.65 -36.55 5.75
C MET B 190 -8.88 -37.39 4.52
N LYS B 191 -9.22 -36.71 3.43
CA LYS B 191 -9.50 -37.37 2.16
C LYS B 191 -8.33 -38.14 1.57
N ILE B 192 -7.15 -37.54 1.52
CA ILE B 192 -5.99 -38.23 0.93
C ILE B 192 -5.41 -39.31 1.83
N LEU B 193 -5.58 -39.14 3.14
CA LEU B 193 -5.11 -40.13 4.09
C LEU B 193 -5.97 -41.39 3.91
N THR B 194 -7.26 -41.18 3.61
CA THR B 194 -8.19 -42.28 3.41
C THR B 194 -7.91 -42.98 2.09
N GLU B 195 -7.42 -42.24 1.09
CA GLU B 195 -7.09 -42.85 -0.19
C GLU B 195 -5.84 -43.72 -0.04
N ARG B 196 -5.05 -43.43 0.99
CA ARG B 196 -3.81 -44.18 1.25
C ARG B 196 -4.12 -45.55 1.87
N GLY B 197 -5.33 -45.71 2.41
CA GLY B 197 -5.69 -46.99 3.00
C GLY B 197 -6.33 -46.84 4.37
N TYR B 198 -6.00 -45.75 5.07
CA TYR B 198 -6.56 -45.50 6.38
C TYR B 198 -7.99 -44.98 6.20
N SER B 199 -8.69 -44.74 7.30
CA SER B 199 -10.05 -44.24 7.19
C SER B 199 -10.31 -43.16 8.21
N PHE B 200 -10.54 -41.96 7.71
CA PHE B 200 -10.81 -40.80 8.55
C PHE B 200 -12.06 -40.08 8.04
N VAL B 201 -13.22 -40.37 8.63
CA VAL B 201 -14.45 -39.72 8.19
C VAL B 201 -15.34 -39.15 9.29
N THR B 202 -15.19 -39.61 10.52
CA THR B 202 -16.03 -39.14 11.62
C THR B 202 -15.49 -37.90 12.33
N THR B 203 -16.38 -37.23 13.07
CA THR B 203 -16.07 -36.05 13.84
C THR B 203 -14.80 -36.30 14.65
N ALA B 204 -14.73 -37.49 15.23
CA ALA B 204 -13.60 -37.89 16.04
C ALA B 204 -12.31 -37.98 15.23
N GLU B 205 -12.35 -38.75 14.15
CA GLU B 205 -11.17 -38.93 13.30
C GLU B 205 -10.73 -37.60 12.71
N ARG B 206 -11.66 -36.67 12.59
CA ARG B 206 -11.36 -35.35 12.06
C ARG B 206 -10.41 -34.65 13.03
N GLU B 207 -10.70 -34.81 14.32
CA GLU B 207 -9.91 -34.23 15.38
C GLU B 207 -8.49 -34.82 15.35
N ILE B 208 -8.38 -36.08 14.96
CA ILE B 208 -7.09 -36.74 14.85
C ILE B 208 -6.33 -36.20 13.64
N VAL B 209 -7.05 -35.93 12.55
CA VAL B 209 -6.40 -35.44 11.35
C VAL B 209 -5.95 -34.00 11.52
N ARG B 210 -6.73 -33.19 12.23
CA ARG B 210 -6.33 -31.80 12.44
C ARG B 210 -5.01 -31.81 13.23
N ASP B 211 -4.89 -32.75 14.17
CA ASP B 211 -3.68 -32.88 14.97
C ASP B 211 -2.52 -33.34 14.10
N ILE B 212 -2.79 -34.23 13.15
CA ILE B 212 -1.74 -34.69 12.25
C ILE B 212 -1.30 -33.50 11.42
N LYS B 213 -2.28 -32.78 10.90
CA LYS B 213 -2.04 -31.60 10.07
C LYS B 213 -1.12 -30.58 10.76
N GLU B 214 -1.40 -30.29 12.01
CA GLU B 214 -0.64 -29.29 12.75
C GLU B 214 0.72 -29.71 13.29
N LYS B 215 1.03 -31.00 13.22
CA LYS B 215 2.30 -31.50 13.73
C LYS B 215 3.27 -32.07 12.71
N LEU B 216 2.75 -32.70 11.66
CA LEU B 216 3.61 -33.31 10.66
C LEU B 216 3.63 -32.68 9.29
N CYS B 217 2.69 -31.77 9.01
CA CYS B 217 2.63 -31.15 7.70
C CYS B 217 3.62 -30.00 7.47
N TYR B 218 4.01 -29.83 6.21
CA TYR B 218 4.94 -28.78 5.84
C TYR B 218 4.88 -28.49 4.34
N VAL B 219 5.24 -27.26 3.98
CA VAL B 219 5.24 -26.86 2.58
C VAL B 219 6.59 -27.19 1.94
N ALA B 220 6.53 -27.87 0.80
CA ALA B 220 7.76 -28.23 0.09
C ALA B 220 8.27 -27.04 -0.72
N LEU B 221 9.58 -26.81 -0.66
CA LEU B 221 10.18 -25.72 -1.42
C LEU B 221 9.90 -25.95 -2.90
N ASP B 222 10.09 -27.19 -3.35
CA ASP B 222 9.83 -27.57 -4.73
C ASP B 222 8.92 -28.79 -4.68
N PHE B 223 7.65 -28.57 -5.00
CA PHE B 223 6.65 -29.62 -4.94
C PHE B 223 6.92 -30.90 -5.73
N GLU B 224 7.01 -30.79 -7.06
CA GLU B 224 7.26 -31.98 -7.89
C GLU B 224 8.50 -32.76 -7.46
N ASN B 225 9.59 -32.07 -7.14
CA ASN B 225 10.80 -32.78 -6.70
C ASN B 225 10.54 -33.54 -5.40
N GLU B 226 9.82 -32.88 -4.48
CA GLU B 226 9.48 -33.49 -3.20
C GLU B 226 8.67 -34.77 -3.45
N MET B 227 7.76 -34.72 -4.42
CA MET B 227 6.95 -35.87 -4.76
C MET B 227 7.87 -37.00 -5.21
N ALA B 228 8.80 -36.65 -6.08
CA ALA B 228 9.75 -37.63 -6.60
C ALA B 228 10.52 -38.26 -5.44
N THR B 229 10.95 -37.44 -4.49
CA THR B 229 11.69 -37.94 -3.34
C THR B 229 10.86 -38.87 -2.47
N ALA B 230 9.56 -38.60 -2.38
CA ALA B 230 8.65 -39.44 -1.58
C ALA B 230 8.35 -40.75 -2.27
N ALA B 231 8.35 -40.73 -3.61
CA ALA B 231 8.08 -41.92 -4.39
C ALA B 231 9.37 -42.73 -4.56
N SER B 232 10.50 -42.07 -4.40
CA SER B 232 11.81 -42.72 -4.54
C SER B 232 12.32 -43.38 -3.27
N SER B 233 12.04 -42.77 -2.13
CA SER B 233 12.49 -43.31 -0.86
C SER B 233 11.47 -43.06 0.23
N SER B 234 11.90 -43.29 1.47
CA SER B 234 11.05 -43.10 2.64
C SER B 234 11.68 -42.06 3.55
N SER B 235 12.59 -41.26 2.99
CA SER B 235 13.27 -40.22 3.76
C SER B 235 12.32 -39.15 4.26
N LEU B 236 11.08 -39.18 3.79
CA LEU B 236 10.09 -38.18 4.19
C LEU B 236 8.99 -38.73 5.08
N GLU B 237 8.97 -40.04 5.28
CA GLU B 237 7.95 -40.68 6.12
C GLU B 237 8.04 -40.16 7.54
N LYS B 238 6.94 -40.30 8.27
CA LYS B 238 6.87 -39.87 9.65
C LYS B 238 5.81 -40.75 10.31
N SER B 239 6.10 -41.25 11.50
CA SER B 239 5.15 -42.08 12.20
C SER B 239 4.24 -41.26 13.08
N TYR B 240 3.00 -41.68 13.19
CA TYR B 240 2.04 -40.98 14.01
C TYR B 240 1.21 -42.00 14.77
N GLU B 241 1.18 -41.84 16.08
CA GLU B 241 0.46 -42.75 16.94
C GLU B 241 -0.97 -42.28 17.20
N LEU B 242 -1.94 -43.09 16.80
CA LEU B 242 -3.35 -42.78 17.01
C LEU B 242 -3.64 -42.91 18.51
N PRO B 243 -4.73 -42.30 18.99
CA PRO B 243 -5.07 -42.39 20.42
C PRO B 243 -5.18 -43.83 20.92
N ASP B 244 -5.52 -44.76 20.03
CA ASP B 244 -5.68 -46.16 20.42
C ASP B 244 -4.37 -46.94 20.32
N GLY B 245 -3.29 -46.24 20.00
CA GLY B 245 -1.99 -46.91 19.92
C GLY B 245 -1.56 -47.28 18.53
N GLN B 246 -2.51 -47.47 17.62
CA GLN B 246 -2.17 -47.82 16.25
C GLN B 246 -1.16 -46.80 15.73
N VAL B 247 -0.16 -47.27 14.98
CA VAL B 247 0.83 -46.36 14.44
C VAL B 247 0.75 -46.37 12.92
N ILE B 248 0.47 -45.22 12.33
CA ILE B 248 0.42 -45.12 10.88
C ILE B 248 1.58 -44.26 10.43
N THR B 249 1.84 -44.27 9.13
CA THR B 249 2.92 -43.48 8.58
C THR B 249 2.37 -42.43 7.62
N ILE B 250 2.83 -41.20 7.76
CA ILE B 250 2.39 -40.11 6.88
C ILE B 250 3.54 -39.83 5.92
N GLY B 251 3.28 -40.00 4.63
CA GLY B 251 4.31 -39.75 3.64
C GLY B 251 4.15 -38.45 2.89
N ASN B 252 3.91 -38.53 1.60
CA ASN B 252 3.75 -37.34 0.76
C ASN B 252 2.54 -36.51 1.14
N GLU B 253 1.64 -37.05 1.97
CA GLU B 253 0.47 -36.25 2.36
C GLU B 253 0.90 -35.13 3.31
N ARG B 254 2.10 -35.24 3.86
CA ARG B 254 2.60 -34.20 4.77
C ARG B 254 2.66 -32.84 4.06
N PHE B 255 3.17 -32.83 2.83
CA PHE B 255 3.27 -31.59 2.07
C PHE B 255 2.17 -31.43 1.01
N ARG B 256 1.55 -32.53 0.61
CA ARG B 256 0.48 -32.43 -0.37
C ARG B 256 -0.69 -31.62 0.22
N CYS B 257 -0.96 -31.80 1.51
CA CYS B 257 -2.06 -31.09 2.16
C CYS B 257 -1.88 -29.58 2.06
N PRO B 258 -0.73 -29.05 2.53
CA PRO B 258 -0.45 -27.62 2.49
C PRO B 258 -0.29 -27.09 1.06
N GLU B 259 0.17 -27.93 0.14
CA GLU B 259 0.37 -27.51 -1.24
C GLU B 259 -0.92 -26.92 -1.84
N THR B 260 -2.06 -27.29 -1.27
CA THR B 260 -3.36 -26.81 -1.71
C THR B 260 -3.46 -25.27 -1.67
N LEU B 261 -2.74 -24.64 -0.74
CA LEU B 261 -2.75 -23.18 -0.62
C LEU B 261 -2.19 -22.52 -1.89
N PHE B 262 -1.19 -23.14 -2.49
CA PHE B 262 -0.57 -22.62 -3.71
C PHE B 262 -1.28 -23.18 -4.94
N GLN B 263 -2.01 -24.29 -4.76
CA GLN B 263 -2.73 -24.96 -5.85
C GLN B 263 -4.14 -25.36 -5.41
N PRO B 264 -5.08 -24.41 -5.45
CA PRO B 264 -6.47 -24.65 -5.04
C PRO B 264 -7.14 -25.75 -5.85
N SER B 265 -6.54 -26.10 -7.00
CA SER B 265 -7.11 -27.13 -7.84
C SER B 265 -7.09 -28.51 -7.18
N PHE B 266 -6.27 -28.68 -6.14
CA PHE B 266 -6.22 -29.96 -5.44
C PHE B 266 -7.57 -30.29 -4.81
N ILE B 267 -8.39 -29.27 -4.55
CA ILE B 267 -9.70 -29.51 -3.96
C ILE B 267 -10.81 -29.06 -4.89
N GLY B 268 -10.49 -29.02 -6.18
CA GLY B 268 -11.47 -28.64 -7.18
C GLY B 268 -11.81 -27.16 -7.25
N MET B 269 -10.92 -26.30 -6.76
CA MET B 269 -11.16 -24.87 -6.82
C MET B 269 -10.31 -24.30 -7.93
N GLU B 270 -10.94 -23.65 -8.89
CA GLU B 270 -10.17 -23.05 -9.96
C GLU B 270 -9.95 -21.59 -9.63
N SER B 271 -9.04 -21.34 -8.70
CA SER B 271 -8.72 -20.00 -8.28
C SER B 271 -7.22 -19.91 -8.03
N ALA B 272 -6.70 -18.70 -8.04
CA ALA B 272 -5.28 -18.44 -7.82
C ALA B 272 -4.81 -18.88 -6.43
N GLY B 273 -3.57 -19.36 -6.36
CA GLY B 273 -2.98 -19.78 -5.10
C GLY B 273 -2.51 -18.57 -4.31
N ILE B 274 -2.05 -18.76 -3.08
CA ILE B 274 -1.63 -17.63 -2.27
C ILE B 274 -0.41 -16.85 -2.78
N HIS B 275 0.44 -17.48 -3.59
CA HIS B 275 1.57 -16.74 -4.12
C HIS B 275 1.03 -15.77 -5.18
N GLU B 276 0.03 -16.21 -5.94
CA GLU B 276 -0.57 -15.36 -6.95
C GLU B 276 -1.52 -14.33 -6.34
N THR B 277 -2.22 -14.69 -5.27
CA THR B 277 -3.12 -13.71 -4.64
C THR B 277 -2.26 -12.57 -4.09
N THR B 278 -1.12 -12.92 -3.51
CA THR B 278 -0.19 -11.92 -2.99
C THR B 278 0.32 -11.04 -4.14
N TYR B 279 0.74 -11.69 -5.22
CA TYR B 279 1.26 -10.97 -6.36
C TYR B 279 0.20 -10.06 -7.01
N ASN B 280 -1.02 -10.58 -7.16
CA ASN B 280 -2.14 -9.82 -7.76
C ASN B 280 -2.47 -8.61 -6.92
N SER B 281 -2.47 -8.79 -5.61
CA SER B 281 -2.77 -7.72 -4.66
C SER B 281 -1.79 -6.58 -4.81
N ILE B 282 -0.51 -6.92 -4.87
CA ILE B 282 0.54 -5.92 -5.02
C ILE B 282 0.39 -5.18 -6.34
N MET B 283 0.08 -5.92 -7.40
CA MET B 283 -0.06 -5.32 -8.72
C MET B 283 -1.22 -4.34 -8.82
N LYS B 284 -2.16 -4.40 -7.88
CA LYS B 284 -3.29 -3.49 -7.90
C LYS B 284 -2.89 -2.14 -7.30
N CYS B 285 -1.68 -2.06 -6.75
CA CYS B 285 -1.21 -0.81 -6.14
C CYS B 285 -0.26 -0.05 -7.05
N ASP B 286 -0.15 1.26 -6.85
CA ASP B 286 0.74 2.09 -7.67
C ASP B 286 2.17 1.57 -7.70
N ILE B 287 2.81 1.68 -8.85
CA ILE B 287 4.16 1.19 -9.03
C ILE B 287 5.15 1.70 -7.99
N ASP B 288 5.03 2.97 -7.61
CA ASP B 288 5.95 3.55 -6.65
C ASP B 288 5.84 3.07 -5.19
N ILE B 289 4.81 2.29 -4.85
CA ILE B 289 4.75 1.79 -3.48
C ILE B 289 4.88 0.25 -3.39
N ARG B 290 4.82 -0.44 -4.52
CA ARG B 290 4.92 -1.89 -4.55
C ARG B 290 6.18 -2.43 -3.85
N LYS B 291 7.28 -1.67 -3.93
CA LYS B 291 8.53 -2.08 -3.29
C LYS B 291 8.32 -2.21 -1.79
N ASP B 292 7.47 -1.37 -1.22
CA ASP B 292 7.22 -1.43 0.22
C ASP B 292 6.20 -2.49 0.61
N LEU B 293 5.72 -3.22 -0.38
CA LEU B 293 4.78 -4.29 -0.12
C LEU B 293 5.65 -5.55 -0.20
N TYR B 294 6.43 -5.64 -1.28
CA TYR B 294 7.32 -6.75 -1.49
C TYR B 294 8.30 -6.95 -0.33
N ALA B 295 8.74 -5.85 0.26
CA ALA B 295 9.71 -5.92 1.35
C ALA B 295 9.08 -5.92 2.73
N ASN B 296 7.77 -6.14 2.80
CA ASN B 296 7.10 -6.19 4.09
C ASN B 296 5.88 -7.08 3.97
N ASN B 297 6.11 -8.29 3.46
CA ASN B 297 5.05 -9.28 3.28
C ASN B 297 4.88 -10.06 4.58
N VAL B 298 3.90 -9.65 5.38
CA VAL B 298 3.62 -10.30 6.67
C VAL B 298 2.61 -11.43 6.59
N MET B 299 2.95 -12.55 7.21
CA MET B 299 2.10 -13.74 7.26
C MET B 299 1.49 -13.92 8.63
N SER B 300 0.18 -14.12 8.68
CA SER B 300 -0.51 -14.33 9.94
C SER B 300 -1.64 -15.35 9.82
N GLY B 301 -2.13 -15.82 10.96
CA GLY B 301 -3.21 -16.80 10.97
C GLY B 301 -2.68 -18.20 11.23
N GLY B 302 -3.55 -19.07 11.73
CA GLY B 302 -3.16 -20.44 12.03
C GLY B 302 -2.69 -21.23 10.83
N THR B 303 -3.26 -20.95 9.67
CA THR B 303 -2.89 -21.67 8.46
C THR B 303 -1.60 -21.20 7.76
N THR B 304 -0.90 -20.24 8.36
CA THR B 304 0.39 -19.82 7.82
C THR B 304 1.46 -20.38 8.76
N MET B 305 1.08 -21.31 9.62
CA MET B 305 2.02 -21.87 10.59
C MET B 305 2.89 -23.00 10.05
N TYR B 306 2.54 -23.49 8.87
CA TYR B 306 3.28 -24.58 8.23
C TYR B 306 4.76 -24.31 8.07
N PRO B 307 5.59 -25.24 8.52
CA PRO B 307 7.03 -25.03 8.37
C PRO B 307 7.31 -24.94 6.87
N GLY B 308 8.31 -24.14 6.50
CA GLY B 308 8.68 -24.01 5.09
C GLY B 308 7.81 -23.11 4.21
N ILE B 309 6.69 -22.63 4.73
CA ILE B 309 5.81 -21.79 3.94
C ILE B 309 6.40 -20.44 3.54
N ALA B 310 7.14 -19.80 4.45
CA ALA B 310 7.76 -18.51 4.15
C ALA B 310 8.79 -18.64 3.04
N ASP B 311 9.56 -19.71 3.08
CA ASP B 311 10.57 -19.96 2.05
C ASP B 311 9.90 -20.24 0.71
N ARG B 312 8.83 -21.01 0.72
CA ARG B 312 8.12 -21.30 -0.52
C ARG B 312 7.59 -19.99 -1.12
N MET B 313 7.00 -19.16 -0.27
CA MET B 313 6.46 -17.87 -0.73
C MET B 313 7.54 -16.95 -1.28
N GLN B 314 8.69 -16.91 -0.60
CA GLN B 314 9.79 -16.06 -1.02
C GLN B 314 10.24 -16.49 -2.41
N LYS B 315 10.25 -17.80 -2.64
CA LYS B 315 10.66 -18.34 -3.93
C LYS B 315 9.64 -18.01 -5.03
N GLU B 316 8.36 -18.30 -4.78
CA GLU B 316 7.32 -18.01 -5.78
C GLU B 316 7.28 -16.54 -6.17
N ILE B 317 7.16 -15.66 -5.18
CA ILE B 317 7.11 -14.21 -5.42
C ILE B 317 8.35 -13.70 -6.16
N THR B 318 9.52 -14.27 -5.86
CA THR B 318 10.75 -13.86 -6.52
C THR B 318 10.70 -14.23 -8.00
N ALA B 319 10.00 -15.32 -8.33
CA ALA B 319 9.89 -15.77 -9.71
C ALA B 319 8.86 -14.92 -10.45
N LEU B 320 8.08 -14.16 -9.71
CA LEU B 320 7.06 -13.32 -10.31
C LEU B 320 7.42 -11.83 -10.34
N ALA B 321 8.10 -11.35 -9.30
CA ALA B 321 8.46 -9.95 -9.22
C ALA B 321 9.66 -9.59 -10.08
N PRO B 322 9.89 -8.28 -10.31
CA PRO B 322 11.02 -7.82 -11.12
C PRO B 322 12.30 -8.31 -10.44
N SER B 323 13.30 -8.66 -11.23
CA SER B 323 14.57 -9.18 -10.69
C SER B 323 15.31 -8.28 -9.71
N THR B 324 15.03 -6.99 -9.74
CA THR B 324 15.71 -6.05 -8.84
C THR B 324 14.86 -5.75 -7.61
N MET B 325 13.75 -6.46 -7.45
CA MET B 325 12.88 -6.22 -6.31
C MET B 325 13.32 -7.04 -5.09
N LYS B 326 13.36 -6.37 -3.94
CA LYS B 326 13.74 -7.04 -2.69
C LYS B 326 12.49 -7.65 -2.06
N ILE B 327 12.47 -8.97 -1.93
CA ILE B 327 11.35 -9.67 -1.33
C ILE B 327 11.68 -10.13 0.09
N LYS B 328 10.87 -9.72 1.06
CA LYS B 328 11.11 -10.12 2.45
C LYS B 328 9.82 -10.58 3.07
N ILE B 329 9.79 -11.83 3.50
CA ILE B 329 8.61 -12.38 4.17
C ILE B 329 8.82 -12.28 5.68
N ILE B 330 7.80 -11.81 6.38
CA ILE B 330 7.89 -11.70 7.83
C ILE B 330 6.89 -12.69 8.43
N ALA B 331 7.40 -13.80 8.94
CA ALA B 331 6.55 -14.83 9.54
C ALA B 331 7.04 -15.22 10.92
N PRO B 332 6.68 -14.41 11.94
CA PRO B 332 7.05 -14.62 13.34
C PRO B 332 6.61 -15.98 13.87
N PRO B 333 7.18 -16.43 15.00
CA PRO B 333 6.81 -17.72 15.60
C PRO B 333 5.41 -17.71 16.22
N GLU B 334 4.93 -16.53 16.59
CA GLU B 334 3.61 -16.41 17.21
C GLU B 334 2.56 -15.81 16.27
N ARG B 335 2.80 -15.89 14.96
CA ARG B 335 1.88 -15.33 13.98
C ARG B 335 0.47 -15.89 14.05
N LYS B 336 0.32 -17.04 14.71
CA LYS B 336 -0.97 -17.67 14.88
C LYS B 336 -1.94 -16.69 15.56
N TYR B 337 -1.40 -15.82 16.40
CA TYR B 337 -2.22 -14.85 17.11
C TYR B 337 -1.85 -13.40 16.83
N SER B 338 -1.11 -13.18 15.74
CA SER B 338 -0.69 -11.84 15.34
C SER B 338 -1.81 -10.82 15.39
N VAL B 339 -2.97 -11.19 14.85
CA VAL B 339 -4.10 -10.28 14.86
C VAL B 339 -4.44 -9.88 16.29
N TRP B 340 -4.66 -10.86 17.15
CA TRP B 340 -5.01 -10.55 18.52
C TRP B 340 -3.95 -9.69 19.18
N ILE B 341 -2.69 -10.02 18.93
CA ILE B 341 -1.60 -9.28 19.53
C ILE B 341 -1.53 -7.83 19.06
N GLY B 342 -1.83 -7.61 17.79
CA GLY B 342 -1.82 -6.26 17.26
C GLY B 342 -2.93 -5.45 17.91
N GLY B 343 -4.00 -6.13 18.31
CA GLY B 343 -5.10 -5.43 18.95
C GLY B 343 -4.73 -5.10 20.38
N SER B 344 -4.05 -6.04 21.04
CA SER B 344 -3.62 -5.86 22.41
C SER B 344 -2.66 -4.68 22.49
N ILE B 345 -1.75 -4.57 21.53
CA ILE B 345 -0.78 -3.47 21.52
C ILE B 345 -1.46 -2.14 21.19
N LEU B 346 -2.18 -2.09 20.08
CA LEU B 346 -2.87 -0.88 19.66
C LEU B 346 -3.81 -0.35 20.73
N ALA B 347 -4.53 -1.25 21.38
CA ALA B 347 -5.46 -0.85 22.43
C ALA B 347 -4.74 -0.35 23.69
N SER B 348 -3.46 -0.66 23.80
CA SER B 348 -2.69 -0.23 24.97
C SER B 348 -1.97 1.09 24.74
N LEU B 349 -1.88 1.53 23.49
CA LEU B 349 -1.19 2.79 23.19
C LEU B 349 -1.91 4.01 23.78
N SER B 350 -1.14 4.91 24.37
CA SER B 350 -1.71 6.12 24.95
C SER B 350 -2.33 7.00 23.85
N THR B 351 -1.73 6.98 22.66
CA THR B 351 -2.22 7.78 21.54
C THR B 351 -3.47 7.19 20.89
N PHE B 352 -3.83 5.98 21.27
CA PHE B 352 -5.01 5.33 20.71
C PHE B 352 -6.25 5.65 21.51
N GLN B 353 -6.07 6.08 22.74
CA GLN B 353 -7.22 6.37 23.60
C GLN B 353 -8.23 7.38 23.04
N GLN B 354 -7.82 8.20 22.06
CA GLN B 354 -8.75 9.16 21.48
C GLN B 354 -9.38 8.59 20.22
N MET B 355 -9.05 7.34 19.92
CA MET B 355 -9.58 6.65 18.75
C MET B 355 -10.83 5.86 19.09
N TRP B 356 -11.10 5.70 20.39
CA TRP B 356 -12.27 4.96 20.84
C TRP B 356 -13.57 5.66 20.46
N ILE B 357 -14.66 4.92 20.48
CA ILE B 357 -15.97 5.48 20.21
C ILE B 357 -16.71 5.37 21.53
N THR B 358 -17.02 6.51 22.13
CA THR B 358 -17.68 6.57 23.43
C THR B 358 -19.19 6.36 23.32
N LYS B 359 -19.80 5.97 24.43
CA LYS B 359 -21.24 5.75 24.49
C LYS B 359 -21.96 7.07 24.22
N GLN B 360 -21.35 8.17 24.65
CA GLN B 360 -21.93 9.50 24.44
C GLN B 360 -22.01 9.78 22.94
N GLU B 361 -20.92 9.50 22.23
CA GLU B 361 -20.88 9.72 20.79
C GLU B 361 -21.90 8.85 20.08
N TYR B 362 -21.96 7.58 20.47
CA TYR B 362 -22.89 6.64 19.88
C TYR B 362 -24.31 7.20 19.98
N ASP B 363 -24.64 7.73 21.14
CA ASP B 363 -25.97 8.31 21.34
C ASP B 363 -26.04 9.62 20.57
N GLU B 364 -25.89 9.53 19.25
CA GLU B 364 -25.93 10.69 18.39
C GLU B 364 -26.34 10.30 16.97
N ALA B 365 -25.40 9.74 16.22
CA ALA B 365 -25.67 9.30 14.84
C ALA B 365 -25.96 7.80 14.84
N GLY B 366 -26.37 7.28 16.00
CA GLY B 366 -26.67 5.87 16.11
C GLY B 366 -25.52 4.98 15.70
N PRO B 367 -25.79 3.72 15.33
CA PRO B 367 -24.76 2.76 14.91
C PRO B 367 -23.89 3.24 13.73
N SER B 368 -24.44 4.11 12.90
CA SER B 368 -23.72 4.65 11.74
C SER B 368 -22.57 5.55 12.19
N ILE B 369 -22.12 5.36 13.43
CA ILE B 369 -21.05 6.16 13.98
C ILE B 369 -19.69 5.47 13.89
N VAL B 370 -19.70 4.13 13.84
CA VAL B 370 -18.46 3.36 13.77
C VAL B 370 -17.87 3.35 12.37
N HIS B 371 -16.99 4.32 12.09
CA HIS B 371 -16.32 4.45 10.81
C HIS B 371 -15.10 5.37 10.92
MG MG C . -8.41 -14.98 11.94
PG ATP D . -10.86 -16.58 10.15
O1G ATP D . -11.06 -17.21 8.81
O2G ATP D . -9.66 -15.67 10.26
O3G ATP D . -12.09 -15.99 10.71
PB ATP D . -9.70 -17.90 12.49
O1B ATP D . -9.22 -16.53 12.83
O2B ATP D . -10.58 -18.51 13.49
O3B ATP D . -10.49 -17.79 11.11
PA ATP D . -7.06 -18.99 12.98
O1A ATP D . -6.05 -18.08 12.40
O2A ATP D . -7.35 -18.90 14.44
O3A ATP D . -8.45 -18.84 12.19
O5' ATP D . -6.50 -20.46 12.69
C5' ATP D . -7.20 -21.68 13.00
C4' ATP D . -6.95 -22.67 11.89
O4' ATP D . -5.52 -22.76 11.89
C3' ATP D . -7.43 -24.14 12.03
O3' ATP D . -7.83 -24.77 10.79
C2' ATP D . -6.19 -24.82 12.59
O2' ATP D . -6.06 -26.25 12.41
C1' ATP D . -5.07 -24.11 11.87
N9 ATP D . -3.77 -24.28 12.58
C8 ATP D . -3.42 -23.87 13.88
N7 ATP D . -2.19 -24.16 14.20
C5 ATP D . -1.66 -24.79 13.05
C6 ATP D . -0.36 -25.35 12.77
N6 ATP D . 0.67 -25.36 13.63
N1 ATP D . -0.19 -25.90 11.51
C2 ATP D . -1.27 -25.87 10.62
N3 ATP D . -2.52 -25.39 10.79
C4 ATP D . -2.64 -24.86 12.05
#